data_6ZZL
#
_entry.id   6ZZL
#
_cell.length_a   170.392
_cell.length_b   170.392
_cell.length_c   67.56
_cell.angle_alpha   90
_cell.angle_beta   90
_cell.angle_gamma   120
#
_symmetry.space_group_name_H-M   'P 64'
#
loop_
_entity.id
_entity.type
_entity.pdbx_description
1 polymer 'Dihydrolipoyllysine-residue acetyltransferase component of pyruvate dehydrogenase complex'
2 non-polymer GLYCEROL
3 non-polymer 'PHOSPHATE ION'
4 water water
#
_entity_poly.entity_id   1
_entity_poly.type   'polypeptide(L)'
_entity_poly.pdbx_seq_one_letter_code
;GGDNVPYVTPLVRKLAEKHGVDLNTVTGTGIGGRIRKQDVLAAANGEAAPAEAAAPVSAWSTKSVDPEKAKLRGTTQKVN
RIREITAMKTVEALQISAQLTQLHEVDMTRVAELRKKNKPAFIEKHGVNLTYLPFFVKAVVEALVSHPNVNASFNAKTKE
MTYHSSVNLSIAVDTPAGLLTPVIHDAQDLSIPEIAKAIVDLADRSRNNKLKPNDLSGGTFTITNIGSEGALSDTPILVP
PQAGILGTGAIVKRPVVITEDGIDSIAIRQMVFLPLTYDHQVVDGADAGRFLTTIKDRLETANFEGDLQL
;
_entity_poly.pdbx_strand_id   A,B,C
#
# COMPACT_ATOMS: atom_id res chain seq x y z
N PRO A 56 -18.26 -22.13 21.91
CA PRO A 56 -18.23 -21.22 23.07
C PRO A 56 -19.62 -20.68 23.43
N VAL A 57 -19.71 -19.86 24.50
CA VAL A 57 -21.01 -19.32 24.92
C VAL A 57 -21.36 -18.02 24.09
N SER A 58 -20.42 -17.50 23.29
CA SER A 58 -20.66 -16.36 22.41
C SER A 58 -20.00 -16.59 21.04
N ALA A 59 -20.47 -15.87 20.00
CA ALA A 59 -19.91 -15.98 18.65
C ALA A 59 -18.65 -15.12 18.45
N TRP A 60 -18.25 -14.30 19.45
CA TRP A 60 -17.05 -13.46 19.33
C TRP A 60 -15.79 -14.30 19.09
N SER A 61 -14.86 -13.77 18.33
CA SER A 61 -13.62 -14.47 18.05
C SER A 61 -12.65 -14.37 19.23
N THR A 62 -11.96 -15.48 19.52
CA THR A 62 -10.94 -15.49 20.58
C THR A 62 -9.51 -15.49 20.00
N LYS A 63 -9.37 -15.61 18.66
CA LYS A 63 -8.12 -15.72 17.95
C LYS A 63 -7.31 -14.47 18.06
N SER A 64 -6.10 -14.62 18.66
CA SER A 64 -5.12 -13.54 18.88
C SER A 64 -5.59 -12.49 19.88
N VAL A 65 -6.52 -12.87 20.75
CA VAL A 65 -7.06 -12.02 21.78
C VAL A 65 -6.32 -12.33 23.09
N ASP A 66 -5.79 -11.29 23.72
CA ASP A 66 -5.08 -11.42 24.98
C ASP A 66 -6.01 -11.00 26.10
N PRO A 67 -6.41 -11.96 26.95
CA PRO A 67 -7.29 -11.63 28.06
C PRO A 67 -6.68 -10.61 29.04
N GLU A 68 -5.34 -10.50 29.12
CA GLU A 68 -4.65 -9.55 30.01
C GLU A 68 -4.92 -8.09 29.61
N LYS A 69 -5.20 -7.83 28.31
CA LYS A 69 -5.47 -6.47 27.85
C LYS A 69 -6.84 -5.95 28.27
N ALA A 70 -7.76 -6.81 28.77
CA ALA A 70 -9.09 -6.39 29.24
C ALA A 70 -9.00 -5.38 30.41
N LYS A 71 -7.92 -5.45 31.21
CA LYS A 71 -7.64 -4.55 32.33
C LYS A 71 -7.41 -3.09 31.85
N LEU A 72 -6.99 -2.89 30.59
CA LEU A 72 -6.70 -1.57 30.07
C LEU A 72 -7.94 -0.73 29.81
N ARG A 73 -9.00 -1.40 29.38
CA ARG A 73 -10.27 -0.80 29.00
C ARG A 73 -10.81 0.11 30.11
N GLY A 74 -10.97 1.39 29.80
CA GLY A 74 -11.48 2.40 30.73
C GLY A 74 -10.43 3.07 31.59
N THR A 75 -9.14 2.95 31.22
CA THR A 75 -8.06 3.53 32.03
C THR A 75 -7.16 4.48 31.22
N THR A 76 -6.40 5.35 31.93
CA THR A 76 -5.39 6.23 31.34
C THR A 76 -4.07 5.92 32.04
N GLN A 77 -3.07 5.44 31.31
CA GLN A 77 -1.80 5.05 31.90
C GLN A 77 -0.63 5.62 31.15
N LYS A 78 0.47 5.94 31.86
CA LYS A 78 1.69 6.41 31.18
C LYS A 78 2.36 5.21 30.49
N VAL A 79 2.77 5.37 29.22
CA VAL A 79 3.37 4.28 28.47
C VAL A 79 4.81 4.03 28.95
N ASN A 80 5.33 2.81 28.70
CA ASN A 80 6.70 2.49 29.13
C ASN A 80 7.72 3.22 28.25
N ARG A 81 9.01 3.22 28.67
CA ARG A 81 10.09 3.92 27.95
C ARG A 81 10.22 3.50 26.47
N ILE A 82 10.07 2.20 26.16
CA ILE A 82 10.14 1.64 24.81
C ILE A 82 9.05 2.26 23.92
N ARG A 83 7.81 2.28 24.42
CA ARG A 83 6.67 2.79 23.68
C ARG A 83 6.80 4.30 23.43
N GLU A 84 7.24 5.06 24.44
CA GLU A 84 7.39 6.51 24.38
C GLU A 84 8.41 6.94 23.30
N ILE A 85 9.52 6.21 23.22
CA ILE A 85 10.58 6.47 22.25
C ILE A 85 10.11 6.03 20.88
N THR A 86 9.46 4.87 20.76
CA THR A 86 8.95 4.40 19.47
C THR A 86 7.91 5.40 18.92
N ALA A 87 7.11 6.02 19.79
CA ALA A 87 6.12 7.00 19.38
C ALA A 87 6.83 8.26 18.84
N MET A 88 7.85 8.75 19.56
CA MET A 88 8.64 9.91 19.20
C MET A 88 9.41 9.69 17.90
N LYS A 89 10.10 8.56 17.78
CA LYS A 89 10.95 8.27 16.64
C LYS A 89 10.17 8.05 15.35
N THR A 90 9.03 7.33 15.38
CA THR A 90 8.29 7.06 14.15
C THR A 90 7.63 8.34 13.61
N VAL A 91 7.12 9.20 14.50
CA VAL A 91 6.49 10.47 14.12
C VAL A 91 7.53 11.39 13.47
N GLU A 92 8.71 11.45 14.09
CA GLU A 92 9.79 12.27 13.62
C GLU A 92 10.34 11.74 12.31
N ALA A 93 10.51 10.39 12.20
CA ALA A 93 11.11 9.72 11.03
C ALA A 93 10.43 10.16 9.73
N LEU A 94 9.08 10.18 9.72
CA LEU A 94 8.30 10.55 8.55
C LEU A 94 8.48 12.03 8.17
N GLN A 95 8.72 12.90 9.15
CA GLN A 95 8.91 14.33 8.90
C GLN A 95 10.30 14.68 8.37
N ILE A 96 11.31 13.82 8.57
CA ILE A 96 12.67 14.13 8.13
C ILE A 96 13.15 13.21 6.99
N SER A 97 12.23 12.55 6.30
CA SER A 97 12.56 11.66 5.19
C SER A 97 11.40 11.66 4.17
N ALA A 98 11.62 11.08 3.00
CA ALA A 98 10.59 10.99 1.96
C ALA A 98 10.29 9.53 1.75
N GLN A 99 9.42 8.99 2.57
CA GLN A 99 9.13 7.55 2.56
C GLN A 99 8.03 7.13 1.60
N LEU A 100 8.29 6.03 0.91
CA LEU A 100 7.35 5.40 -0.01
C LEU A 100 7.60 3.88 0.00
N THR A 101 6.55 3.08 -0.27
CA THR A 101 6.69 1.64 -0.16
C THR A 101 6.44 0.96 -1.47
N GLN A 102 7.47 0.32 -2.02
CA GLN A 102 7.37 -0.39 -3.29
C GLN A 102 7.08 -1.87 -3.01
N LEU A 103 6.14 -2.45 -3.75
CA LEU A 103 5.76 -3.84 -3.53
C LEU A 103 6.15 -4.77 -4.66
N HIS A 104 6.77 -5.88 -4.32
CA HIS A 104 7.15 -6.95 -5.23
C HIS A 104 6.64 -8.27 -4.66
N GLU A 105 6.37 -9.26 -5.50
CA GLU A 105 6.00 -10.59 -5.00
C GLU A 105 7.10 -11.61 -5.38
N VAL A 106 7.36 -12.54 -4.48
CA VAL A 106 8.40 -13.54 -4.67
C VAL A 106 7.80 -14.93 -4.49
N ASP A 107 8.18 -15.85 -5.37
CA ASP A 107 7.76 -17.24 -5.31
C ASP A 107 8.70 -17.99 -4.38
N MET A 108 8.24 -18.28 -3.16
CA MET A 108 9.02 -18.95 -2.13
C MET A 108 8.88 -20.47 -2.15
N THR A 109 8.28 -21.06 -3.20
CA THR A 109 8.05 -22.51 -3.24
C THR A 109 9.34 -23.30 -3.16
N ARG A 110 10.38 -22.87 -3.89
CA ARG A 110 11.65 -23.61 -3.87
C ARG A 110 12.33 -23.53 -2.49
N VAL A 111 12.29 -22.34 -1.84
CA VAL A 111 12.85 -22.19 -0.51
C VAL A 111 12.04 -23.05 0.49
N ALA A 112 10.70 -23.11 0.34
CA ALA A 112 9.84 -23.93 1.18
C ALA A 112 10.16 -25.42 1.04
N GLU A 113 10.42 -25.89 -0.18
CA GLU A 113 10.76 -27.29 -0.45
C GLU A 113 12.16 -27.61 0.11
N LEU A 114 13.10 -26.67 0.00
CA LEU A 114 14.45 -26.84 0.53
C LEU A 114 14.42 -26.89 2.06
N ARG A 115 13.61 -26.03 2.67
CA ARG A 115 13.45 -25.95 4.11
C ARG A 115 12.83 -27.24 4.64
N LYS A 116 11.80 -27.75 3.99
CA LYS A 116 11.11 -28.97 4.42
C LYS A 116 12.07 -30.17 4.40
N LYS A 117 12.86 -30.26 3.32
CA LYS A 117 13.82 -31.34 3.11
C LYS A 117 15.00 -31.29 4.12
N ASN A 118 15.50 -30.09 4.44
CA ASN A 118 16.69 -29.96 5.27
C ASN A 118 16.46 -29.48 6.70
N LYS A 119 15.22 -29.29 7.11
CA LYS A 119 14.92 -28.82 8.48
C LYS A 119 15.38 -29.81 9.56
N PRO A 120 15.12 -31.13 9.44
CA PRO A 120 15.58 -32.05 10.50
C PRO A 120 17.09 -32.04 10.70
N ALA A 121 17.87 -32.06 9.60
CA ALA A 121 19.33 -32.05 9.70
C ALA A 121 19.88 -30.72 10.23
N PHE A 122 19.23 -29.59 9.90
CA PHE A 122 19.65 -28.25 10.35
C PHE A 122 19.51 -28.11 11.86
N ILE A 123 18.39 -28.58 12.42
CA ILE A 123 18.15 -28.51 13.86
C ILE A 123 19.11 -29.44 14.60
N GLU A 124 19.37 -30.63 14.03
CA GLU A 124 20.27 -31.60 14.65
C GLU A 124 21.72 -31.08 14.69
N LYS A 125 22.19 -30.48 13.60
CA LYS A 125 23.57 -29.99 13.55
C LYS A 125 23.77 -28.66 14.29
N HIS A 126 22.93 -27.65 13.98
CA HIS A 126 23.13 -26.30 14.47
C HIS A 126 22.36 -25.98 15.76
N GLY A 127 21.36 -26.77 16.10
CA GLY A 127 20.65 -26.59 17.37
C GLY A 127 19.51 -25.60 17.36
N VAL A 128 19.31 -24.89 16.25
CA VAL A 128 18.20 -23.95 16.13
C VAL A 128 17.25 -24.46 15.05
N ASN A 129 15.99 -24.05 15.14
CA ASN A 129 15.02 -24.40 14.11
C ASN A 129 15.36 -23.66 12.79
N LEU A 130 15.01 -24.24 11.63
CA LEU A 130 15.23 -23.60 10.35
C LEU A 130 13.94 -22.91 9.94
N THR A 131 13.91 -21.57 10.00
CA THR A 131 12.72 -20.82 9.60
C THR A 131 13.00 -20.14 8.21
N TYR A 132 12.08 -19.31 7.71
CA TYR A 132 12.30 -18.59 6.46
C TYR A 132 13.21 -17.39 6.66
N LEU A 133 13.24 -16.80 7.86
CA LEU A 133 13.99 -15.59 8.11
C LEU A 133 15.48 -15.67 7.71
N PRO A 134 16.29 -16.72 8.01
CA PRO A 134 17.70 -16.69 7.55
C PRO A 134 17.85 -16.66 6.02
N PHE A 135 16.84 -17.13 5.26
CA PHE A 135 16.89 -17.06 3.79
C PHE A 135 16.67 -15.62 3.33
N PHE A 136 15.71 -14.93 3.96
CA PHE A 136 15.43 -13.53 3.66
C PHE A 136 16.61 -12.66 4.08
N VAL A 137 17.16 -12.91 5.28
CA VAL A 137 18.32 -12.17 5.78
C VAL A 137 19.52 -12.39 4.84
N LYS A 138 19.83 -13.64 4.47
CA LYS A 138 20.96 -13.90 3.58
C LYS A 138 20.77 -13.19 2.22
N ALA A 139 19.57 -13.24 1.63
CA ALA A 139 19.32 -12.60 0.34
C ALA A 139 19.42 -11.07 0.43
N VAL A 140 18.88 -10.47 1.50
CA VAL A 140 18.89 -9.02 1.71
C VAL A 140 20.31 -8.50 2.01
N VAL A 141 21.07 -9.20 2.85
CA VAL A 141 22.42 -8.80 3.19
C VAL A 141 23.31 -8.86 1.93
N GLU A 142 23.19 -9.92 1.12
CA GLU A 142 23.95 -10.00 -0.13
C GLU A 142 23.57 -8.85 -1.09
N ALA A 143 22.25 -8.53 -1.17
CA ALA A 143 21.75 -7.47 -2.02
C ALA A 143 22.21 -6.08 -1.53
N LEU A 144 22.43 -5.91 -0.22
CA LEU A 144 22.92 -4.64 0.31
C LEU A 144 24.41 -4.43 0.00
N VAL A 145 25.16 -5.53 -0.17
CA VAL A 145 26.56 -5.49 -0.56
C VAL A 145 26.60 -5.11 -2.05
N SER A 146 25.75 -5.75 -2.87
CA SER A 146 25.68 -5.53 -4.31
C SER A 146 25.07 -4.17 -4.65
N HIS A 147 24.22 -3.60 -3.77
CA HIS A 147 23.58 -2.30 -3.95
C HIS A 147 24.02 -1.38 -2.82
N PRO A 148 25.30 -0.92 -2.83
CA PRO A 148 25.77 -0.04 -1.76
C PRO A 148 24.98 1.26 -1.63
N ASN A 149 24.31 1.70 -2.71
CA ASN A 149 23.47 2.89 -2.71
C ASN A 149 22.24 2.71 -1.76
N VAL A 150 21.87 1.46 -1.41
CA VAL A 150 20.73 1.23 -0.52
C VAL A 150 21.22 1.10 0.95
N ASN A 151 22.43 0.53 1.15
CA ASN A 151 23.07 0.41 2.45
C ASN A 151 23.79 1.72 2.72
N ALA A 152 23.03 2.83 2.71
CA ALA A 152 23.58 4.17 2.77
C ALA A 152 22.75 5.12 3.64
N SER A 153 23.31 6.29 3.99
CA SER A 153 22.66 7.34 4.77
C SER A 153 22.85 8.68 4.09
N PHE A 154 21.85 9.55 4.17
CA PHE A 154 21.93 10.88 3.59
C PHE A 154 22.03 11.92 4.69
N ASN A 155 22.82 12.94 4.45
CA ASN A 155 22.98 14.09 5.33
C ASN A 155 22.33 15.25 4.58
N ALA A 156 21.14 15.69 5.04
CA ALA A 156 20.42 16.76 4.36
C ALA A 156 21.08 18.16 4.53
N LYS A 157 21.99 18.31 5.49
CA LYS A 157 22.67 19.58 5.70
C LYS A 157 23.83 19.74 4.68
N THR A 158 24.71 18.74 4.59
CA THR A 158 25.88 18.79 3.71
C THR A 158 25.61 18.21 2.31
N LYS A 159 24.44 17.58 2.08
CA LYS A 159 24.03 16.93 0.83
C LYS A 159 24.95 15.74 0.45
N GLU A 160 25.62 15.11 1.46
CA GLU A 160 26.55 13.99 1.26
C GLU A 160 25.96 12.62 1.59
N MET A 161 26.21 11.67 0.71
CA MET A 161 25.78 10.29 0.87
C MET A 161 26.90 9.44 1.44
N THR A 162 26.64 8.72 2.52
CA THR A 162 27.62 7.83 3.12
C THR A 162 27.25 6.40 2.82
N TYR A 163 28.12 5.67 2.11
CA TYR A 163 27.87 4.28 1.75
C TYR A 163 28.62 3.41 2.73
N HIS A 164 27.88 2.80 3.66
CA HIS A 164 28.42 1.97 4.73
C HIS A 164 29.11 0.71 4.23
N SER A 165 30.30 0.42 4.77
CA SER A 165 31.03 -0.79 4.39
C SER A 165 30.49 -2.02 5.18
N SER A 166 29.90 -1.80 6.36
CA SER A 166 29.28 -2.86 7.12
C SER A 166 27.80 -2.94 6.81
N VAL A 167 27.27 -4.16 6.79
CA VAL A 167 25.84 -4.38 6.68
C VAL A 167 25.42 -4.73 8.12
N ASN A 168 24.95 -3.73 8.89
CA ASN A 168 24.48 -3.97 10.24
C ASN A 168 22.97 -4.09 10.16
N LEU A 169 22.48 -5.31 10.08
CA LEU A 169 21.07 -5.55 9.85
C LEU A 169 20.22 -5.52 11.12
N SER A 170 19.29 -4.55 11.18
CA SER A 170 18.32 -4.45 12.26
C SER A 170 17.20 -5.45 12.02
N ILE A 171 16.79 -6.12 13.09
CA ILE A 171 15.72 -7.10 13.07
C ILE A 171 14.64 -6.61 14.01
N ALA A 172 13.41 -6.43 13.51
CA ALA A 172 12.31 -6.02 14.37
C ALA A 172 11.85 -7.21 15.18
N VAL A 173 11.84 -7.07 16.50
CA VAL A 173 11.45 -8.11 17.44
C VAL A 173 10.25 -7.66 18.26
N ASP A 174 9.12 -8.34 18.06
CA ASP A 174 7.90 -8.08 18.81
C ASP A 174 8.07 -8.71 20.21
N THR A 175 7.94 -7.90 21.26
CA THR A 175 8.04 -8.37 22.65
C THR A 175 6.79 -7.89 23.43
N PRO A 176 6.41 -8.53 24.54
CA PRO A 176 5.25 -8.05 25.33
C PRO A 176 5.40 -6.57 25.76
N ALA A 177 6.64 -6.10 26.03
CA ALA A 177 6.87 -4.70 26.41
C ALA A 177 6.81 -3.71 25.20
N GLY A 178 6.81 -4.23 23.98
CA GLY A 178 6.77 -3.41 22.78
C GLY A 178 7.82 -3.82 21.76
N LEU A 179 7.90 -3.07 20.67
CA LEU A 179 8.83 -3.35 19.59
C LEU A 179 10.27 -2.98 19.96
N LEU A 180 11.18 -3.90 19.71
CA LEU A 180 12.62 -3.69 19.89
C LEU A 180 13.33 -4.00 18.58
N THR A 181 14.44 -3.30 18.28
CA THR A 181 15.12 -3.54 17.01
C THR A 181 16.62 -3.77 17.20
N PRO A 182 16.98 -4.98 17.70
CA PRO A 182 18.40 -5.32 17.82
C PRO A 182 19.05 -5.40 16.43
N VAL A 183 20.37 -5.23 16.40
CA VAL A 183 21.19 -5.19 15.21
C VAL A 183 22.16 -6.35 15.14
N ILE A 184 22.26 -6.98 13.97
CA ILE A 184 23.26 -8.01 13.68
C ILE A 184 24.40 -7.26 13.00
N HIS A 185 25.47 -6.97 13.73
CA HIS A 185 26.61 -6.24 13.20
C HIS A 185 27.40 -7.09 12.24
N ASP A 186 27.82 -6.50 11.12
CA ASP A 186 28.63 -7.17 10.10
C ASP A 186 28.00 -8.48 9.65
N ALA A 187 26.70 -8.42 9.35
CA ALA A 187 25.90 -9.54 8.89
C ALA A 187 26.41 -10.10 7.56
N GLN A 188 27.18 -9.31 6.78
CA GLN A 188 27.76 -9.73 5.51
C GLN A 188 28.79 -10.88 5.69
N ASP A 189 29.39 -10.99 6.88
CA ASP A 189 30.35 -12.04 7.18
C ASP A 189 29.71 -13.30 7.78
N LEU A 190 28.37 -13.37 7.84
CA LEU A 190 27.70 -14.49 8.46
C LEU A 190 27.15 -15.50 7.50
N SER A 191 27.20 -16.76 7.90
CA SER A 191 26.58 -17.85 7.16
C SER A 191 25.09 -17.97 7.56
N ILE A 192 24.28 -18.75 6.82
CA ILE A 192 22.87 -18.99 7.19
C ILE A 192 22.79 -19.62 8.64
N PRO A 193 23.59 -20.66 9.00
CA PRO A 193 23.56 -21.16 10.39
C PRO A 193 23.86 -20.09 11.44
N GLU A 194 24.86 -19.22 11.18
CA GLU A 194 25.21 -18.13 12.10
C GLU A 194 24.09 -17.10 12.22
N ILE A 195 23.41 -16.81 11.10
CA ILE A 195 22.29 -15.88 11.06
C ILE A 195 21.14 -16.45 11.92
N ALA A 196 20.77 -17.72 11.69
CA ALA A 196 19.70 -18.38 12.42
C ALA A 196 19.94 -18.31 13.94
N LYS A 197 21.18 -18.59 14.39
CA LYS A 197 21.58 -18.49 15.78
C LYS A 197 21.52 -17.05 16.31
N ALA A 198 21.99 -16.08 15.53
CA ALA A 198 21.95 -14.66 15.93
C ALA A 198 20.52 -14.20 16.15
N ILE A 199 19.58 -14.62 15.28
CA ILE A 199 18.17 -14.27 15.43
C ILE A 199 17.62 -14.87 16.75
N VAL A 200 17.87 -16.16 17.00
CA VAL A 200 17.41 -16.82 18.23
C VAL A 200 17.98 -16.10 19.47
N ASP A 201 19.27 -15.80 19.46
CA ASP A 201 19.92 -15.09 20.56
C ASP A 201 19.33 -13.67 20.77
N LEU A 202 19.29 -12.83 19.74
CA LEU A 202 18.81 -11.45 19.85
C LEU A 202 17.34 -11.37 20.20
N ALA A 203 16.51 -12.29 19.68
CA ALA A 203 15.09 -12.31 20.03
C ALA A 203 14.90 -12.69 21.49
N ASP A 204 15.68 -13.66 21.98
CA ASP A 204 15.59 -14.08 23.37
C ASP A 204 15.97 -12.95 24.30
N ARG A 205 17.09 -12.28 24.03
CA ARG A 205 17.58 -11.21 24.88
C ARG A 205 16.72 -9.94 24.77
N SER A 206 15.97 -9.76 23.69
CA SER A 206 15.04 -8.65 23.57
C SER A 206 13.86 -8.87 24.53
N ARG A 207 13.32 -10.09 24.53
CA ARG A 207 12.19 -10.44 25.38
C ARG A 207 12.55 -10.49 26.85
N ASN A 208 13.81 -10.85 27.18
CA ASN A 208 14.22 -10.98 28.57
C ASN A 208 15.07 -9.81 29.06
N ASN A 209 14.98 -8.64 28.39
CA ASN A 209 15.72 -7.43 28.74
C ASN A 209 17.22 -7.69 29.08
N LYS A 210 17.92 -8.35 28.16
CA LYS A 210 19.33 -8.67 28.32
C LYS A 210 20.16 -8.22 27.11
N LEU A 211 19.69 -7.22 26.35
CA LEU A 211 20.45 -6.73 25.20
C LEU A 211 21.62 -5.87 25.67
N LYS A 212 22.71 -5.90 24.93
CA LYS A 212 23.90 -5.12 25.21
C LYS A 212 23.84 -3.77 24.46
N PRO A 213 24.73 -2.79 24.77
CA PRO A 213 24.67 -1.49 24.06
C PRO A 213 24.88 -1.58 22.56
N ASN A 214 25.73 -2.52 22.15
CA ASN A 214 26.01 -2.67 20.73
C ASN A 214 24.91 -3.40 20.02
N ASP A 215 24.15 -4.26 20.71
CA ASP A 215 23.01 -4.91 20.11
C ASP A 215 21.96 -3.92 19.62
N LEU A 216 22.02 -2.61 19.99
CA LEU A 216 20.96 -1.70 19.57
C LEU A 216 21.40 -0.54 18.68
N SER A 217 22.70 -0.34 18.42
CA SER A 217 23.15 0.78 17.60
C SER A 217 23.79 0.35 16.27
N GLY A 218 23.95 1.30 15.34
CA GLY A 218 24.70 1.05 14.11
C GLY A 218 23.99 0.46 12.93
N GLY A 219 22.69 0.14 13.06
CA GLY A 219 21.89 -0.41 11.98
C GLY A 219 21.95 0.38 10.67
N THR A 220 22.14 -0.33 9.56
CA THR A 220 22.22 0.30 8.24
C THR A 220 20.99 -0.01 7.36
N PHE A 221 20.21 -1.04 7.72
CA PHE A 221 18.99 -1.51 7.06
C PHE A 221 18.18 -2.33 8.04
N THR A 222 16.83 -2.41 7.90
CA THR A 222 16.01 -3.21 8.79
C THR A 222 15.16 -4.23 8.03
N ILE A 223 14.91 -5.38 8.64
CA ILE A 223 13.98 -6.36 8.08
C ILE A 223 12.95 -6.65 9.17
N THR A 224 11.66 -6.52 8.85
CA THR A 224 10.59 -6.72 9.80
C THR A 224 9.63 -7.79 9.28
N ASN A 225 9.26 -8.74 10.13
CA ASN A 225 8.36 -9.80 9.72
C ASN A 225 6.93 -9.36 9.90
N ILE A 226 6.40 -8.61 8.93
CA ILE A 226 5.02 -8.12 9.02
C ILE A 226 4.02 -9.28 8.89
N GLY A 227 4.43 -10.44 8.34
CA GLY A 227 3.60 -11.63 8.21
C GLY A 227 3.55 -12.52 9.44
N SER A 228 4.19 -12.08 10.54
CA SER A 228 4.18 -12.84 11.78
C SER A 228 2.77 -12.91 12.38
N GLU A 229 1.97 -11.85 12.19
CA GLU A 229 0.60 -11.81 12.68
C GLU A 229 -0.43 -11.78 11.53
N GLY A 230 -0.06 -12.37 10.36
CA GLY A 230 -0.95 -12.62 9.25
C GLY A 230 -1.04 -11.64 8.10
N ALA A 231 -0.33 -10.52 8.17
CA ALA A 231 -0.42 -9.51 7.13
C ALA A 231 0.19 -9.94 5.84
N LEU A 232 -0.44 -9.57 4.72
CA LEU A 232 0.10 -9.77 3.38
C LEU A 232 1.21 -8.76 3.13
N SER A 233 0.99 -7.51 3.56
CA SER A 233 1.92 -6.42 3.34
C SER A 233 1.62 -5.27 4.32
N ASP A 234 2.46 -4.23 4.30
CA ASP A 234 2.35 -3.05 5.15
C ASP A 234 3.22 -1.97 4.53
N THR A 235 3.24 -0.76 5.09
CA THR A 235 4.12 0.30 4.62
C THR A 235 5.02 0.61 5.81
N PRO A 236 5.97 -0.28 6.20
CA PRO A 236 6.74 -0.03 7.44
C PRO A 236 7.45 1.31 7.47
N ILE A 237 7.61 1.89 8.66
CA ILE A 237 8.27 3.18 8.80
C ILE A 237 9.79 2.99 8.96
N LEU A 238 10.61 3.59 8.05
CA LEU A 238 12.07 3.51 8.21
C LEU A 238 12.50 4.60 9.18
N VAL A 239 13.62 4.38 9.87
CA VAL A 239 14.11 5.36 10.83
C VAL A 239 15.47 5.86 10.39
N PRO A 240 15.57 7.13 9.91
CA PRO A 240 16.89 7.70 9.60
C PRO A 240 17.85 7.56 10.79
N PRO A 241 19.15 7.30 10.56
CA PRO A 241 19.88 7.39 9.28
C PRO A 241 19.68 6.25 8.29
N GLN A 242 18.85 5.24 8.60
CA GLN A 242 18.63 4.15 7.64
C GLN A 242 17.84 4.65 6.42
N ALA A 243 18.05 4.01 5.26
CA ALA A 243 17.36 4.43 4.03
C ALA A 243 16.30 3.42 3.54
N GLY A 244 16.21 2.27 4.19
CA GLY A 244 15.24 1.25 3.82
C GLY A 244 14.90 0.29 4.95
N ILE A 245 13.69 -0.23 4.88
CA ILE A 245 13.19 -1.25 5.76
C ILE A 245 12.36 -2.21 4.91
N LEU A 246 12.76 -3.47 4.88
CA LEU A 246 12.04 -4.46 4.12
C LEU A 246 11.11 -5.21 5.04
N GLY A 247 9.87 -5.36 4.62
CA GLY A 247 8.92 -6.16 5.35
C GLY A 247 8.77 -7.51 4.66
N THR A 248 8.63 -8.58 5.43
CA THR A 248 8.36 -9.90 4.85
C THR A 248 6.92 -10.25 5.17
N GLY A 249 6.05 -10.18 4.18
CA GLY A 249 4.64 -10.51 4.38
C GLY A 249 4.44 -12.00 4.62
N ALA A 250 3.20 -12.41 4.82
CA ALA A 250 2.86 -13.82 5.01
C ALA A 250 3.11 -14.60 3.73
N ILE A 251 3.62 -15.82 3.85
CA ILE A 251 3.82 -16.68 2.68
C ILE A 251 2.52 -17.43 2.53
N VAL A 252 1.78 -17.14 1.46
CA VAL A 252 0.44 -17.65 1.17
C VAL A 252 0.43 -18.54 -0.04
N LYS A 253 -0.27 -19.70 -0.02
CA LYS A 253 -0.46 -20.46 -1.27
C LYS A 253 -1.43 -19.65 -2.16
N ARG A 254 -0.99 -19.23 -3.36
CA ARG A 254 -1.84 -18.44 -4.26
C ARG A 254 -1.77 -19.05 -5.67
N PRO A 255 -2.86 -19.01 -6.45
CA PRO A 255 -2.78 -19.48 -7.85
C PRO A 255 -2.04 -18.43 -8.68
N VAL A 256 -0.99 -18.84 -9.41
CA VAL A 256 -0.19 -17.92 -10.21
C VAL A 256 0.04 -18.50 -11.61
N VAL A 257 0.47 -17.66 -12.58
CA VAL A 257 0.77 -18.14 -13.92
C VAL A 257 2.23 -18.54 -13.96
N ILE A 258 2.50 -19.76 -14.46
CA ILE A 258 3.81 -20.36 -14.58
C ILE A 258 4.05 -20.62 -16.05
N THR A 259 5.19 -20.16 -16.61
CA THR A 259 5.47 -20.40 -18.02
C THR A 259 6.56 -21.45 -18.19
N GLU A 260 6.15 -22.70 -18.41
CA GLU A 260 7.09 -23.80 -18.60
C GLU A 260 7.19 -24.14 -20.09
N ASP A 261 8.42 -24.02 -20.66
CA ASP A 261 8.74 -24.30 -22.07
C ASP A 261 7.83 -23.50 -23.03
N GLY A 262 7.65 -22.21 -22.72
CA GLY A 262 6.85 -21.32 -23.56
C GLY A 262 5.35 -21.47 -23.48
N ILE A 263 4.84 -22.27 -22.52
CA ILE A 263 3.39 -22.45 -22.38
C ILE A 263 2.93 -22.01 -20.98
N ASP A 264 1.88 -21.17 -20.93
CA ASP A 264 1.34 -20.63 -19.67
C ASP A 264 0.34 -21.59 -19.01
N SER A 265 0.45 -21.73 -17.69
CA SER A 265 -0.45 -22.57 -16.91
C SER A 265 -0.68 -21.99 -15.52
N ILE A 266 -1.80 -22.34 -14.88
CA ILE A 266 -2.10 -21.87 -13.54
C ILE A 266 -1.65 -22.92 -12.54
N ALA A 267 -0.87 -22.53 -11.55
CA ALA A 267 -0.33 -23.44 -10.55
C ALA A 267 -0.39 -22.84 -9.15
N ILE A 268 -0.45 -23.69 -8.12
CA ILE A 268 -0.44 -23.23 -6.74
C ILE A 268 1.01 -23.04 -6.30
N ARG A 269 1.38 -21.83 -5.90
CA ARG A 269 2.73 -21.56 -5.43
C ARG A 269 2.68 -20.80 -4.10
N GLN A 270 3.73 -20.93 -3.29
CA GLN A 270 3.85 -20.22 -2.02
C GLN A 270 4.39 -18.86 -2.33
N MET A 271 3.54 -17.84 -2.28
CA MET A 271 3.95 -16.49 -2.65
C MET A 271 4.08 -15.58 -1.45
N VAL A 272 5.01 -14.64 -1.53
CA VAL A 272 5.18 -13.66 -0.46
C VAL A 272 5.25 -12.28 -1.06
N PHE A 273 4.70 -11.27 -0.37
CA PHE A 273 4.88 -9.87 -0.80
C PHE A 273 6.03 -9.31 0.00
N LEU A 274 6.94 -8.60 -0.68
CA LEU A 274 8.05 -7.98 -0.01
C LEU A 274 7.94 -6.48 -0.18
N PRO A 275 7.27 -5.80 0.75
CA PRO A 275 7.19 -4.34 0.67
C PRO A 275 8.48 -3.70 1.14
N LEU A 276 9.06 -2.81 0.34
CA LEU A 276 10.24 -2.07 0.74
C LEU A 276 9.91 -0.60 0.95
N THR A 277 10.04 -0.11 2.19
CA THR A 277 9.92 1.32 2.41
C THR A 277 11.31 1.91 2.20
N TYR A 278 11.43 2.86 1.28
CA TYR A 278 12.72 3.47 1.01
C TYR A 278 12.63 4.99 1.12
N ASP A 279 13.77 5.62 1.40
CA ASP A 279 13.81 7.07 1.52
C ASP A 279 14.15 7.61 0.15
N HIS A 280 13.26 8.41 -0.45
CA HIS A 280 13.50 8.98 -1.75
C HIS A 280 14.71 9.93 -1.76
N GLN A 281 15.20 10.36 -0.58
CA GLN A 281 16.43 11.17 -0.52
C GLN A 281 17.65 10.34 -0.91
N VAL A 282 17.61 9.02 -0.69
CA VAL A 282 18.72 8.09 -0.89
C VAL A 282 18.50 7.15 -2.08
N VAL A 283 17.29 6.61 -2.19
CA VAL A 283 16.92 5.62 -3.20
C VAL A 283 15.72 6.10 -4.02
N ASP A 284 15.78 6.03 -5.35
CA ASP A 284 14.61 6.41 -6.14
C ASP A 284 13.85 5.09 -6.58
N GLY A 285 12.68 5.21 -7.17
CA GLY A 285 11.87 4.06 -7.58
C GLY A 285 12.56 2.92 -8.30
N ALA A 286 13.40 3.23 -9.30
CA ALA A 286 14.12 2.26 -10.12
C ALA A 286 15.22 1.56 -9.32
N ASP A 287 15.96 2.27 -8.45
CA ASP A 287 16.96 1.66 -7.58
C ASP A 287 16.28 0.67 -6.61
N ALA A 288 15.13 1.06 -6.04
CA ALA A 288 14.37 0.19 -5.15
C ALA A 288 13.97 -1.11 -5.89
N GLY A 289 13.51 -0.97 -7.13
CA GLY A 289 13.14 -2.11 -7.96
C GLY A 289 14.33 -3.01 -8.31
N ARG A 290 15.50 -2.40 -8.63
CA ARG A 290 16.69 -3.17 -8.96
C ARG A 290 17.17 -3.94 -7.72
N PHE A 291 17.15 -3.30 -6.55
CA PHE A 291 17.56 -3.91 -5.30
C PHE A 291 16.65 -5.09 -4.96
N LEU A 292 15.33 -4.91 -5.12
CA LEU A 292 14.37 -5.98 -4.88
C LEU A 292 14.42 -7.09 -5.93
N THR A 293 14.82 -6.76 -7.15
CA THR A 293 14.95 -7.75 -8.22
C THR A 293 16.07 -8.73 -7.88
N THR A 294 17.19 -8.23 -7.31
CA THR A 294 18.30 -9.07 -6.92
C THR A 294 17.86 -10.06 -5.81
N ILE A 295 17.13 -9.54 -4.81
CA ILE A 295 16.62 -10.33 -3.69
C ILE A 295 15.67 -11.41 -4.20
N LYS A 296 14.72 -11.01 -5.08
CA LYS A 296 13.73 -11.92 -5.64
C LYS A 296 14.42 -13.00 -6.47
N ASP A 297 15.42 -12.64 -7.27
CA ASP A 297 16.13 -13.61 -8.08
C ASP A 297 16.86 -14.64 -7.19
N ARG A 298 17.53 -14.18 -6.13
CA ARG A 298 18.23 -15.06 -5.22
C ARG A 298 17.25 -16.04 -4.53
N LEU A 299 16.10 -15.54 -4.07
CA LEU A 299 15.11 -16.38 -3.38
C LEU A 299 14.40 -17.37 -4.34
N GLU A 300 14.06 -16.93 -5.57
CA GLU A 300 13.37 -17.77 -6.53
C GLU A 300 14.31 -18.83 -7.12
N THR A 301 15.61 -18.54 -7.24
CA THR A 301 16.58 -19.53 -7.71
C THR A 301 16.78 -20.61 -6.60
N ALA A 302 16.77 -20.16 -5.31
CA ALA A 302 16.84 -20.96 -4.10
C ALA A 302 18.04 -21.90 -4.06
N ASN A 303 19.19 -21.37 -4.46
CA ASN A 303 20.43 -22.15 -4.42
C ASN A 303 21.07 -21.93 -3.04
N PHE A 304 20.45 -22.50 -1.99
CA PHE A 304 20.92 -22.32 -0.63
C PHE A 304 21.39 -23.62 0.03
N GLU A 305 21.34 -24.78 -0.66
CA GLU A 305 21.71 -26.05 -0.03
C GLU A 305 23.14 -26.03 0.58
N GLY A 306 24.11 -25.46 -0.15
CA GLY A 306 25.46 -25.34 0.39
C GLY A 306 25.53 -24.37 1.54
N ASP A 307 24.76 -23.27 1.45
CA ASP A 307 24.67 -22.22 2.46
C ASP A 307 24.17 -22.74 3.81
N LEU A 308 23.41 -23.86 3.83
CA LEU A 308 22.92 -24.44 5.08
C LEU A 308 24.05 -25.18 5.87
N GLN A 309 25.18 -25.51 5.21
CA GLN A 309 26.35 -26.14 5.83
C GLN A 309 25.96 -27.41 6.63
N LEU A 310 25.39 -28.39 5.95
CA LEU A 310 25.01 -29.65 6.60
C LEU A 310 26.04 -30.78 6.36
N SER B 58 -17.75 9.15 -29.85
CA SER B 58 -16.35 9.14 -29.42
C SER B 58 -16.03 7.90 -28.56
N ALA B 59 -14.73 7.53 -28.51
CA ALA B 59 -14.25 6.38 -27.73
C ALA B 59 -14.02 6.70 -26.26
N TRP B 60 -14.19 7.98 -25.83
CA TRP B 60 -14.01 8.37 -24.43
C TRP B 60 -14.94 7.60 -23.51
N SER B 61 -14.48 7.29 -22.31
CA SER B 61 -15.30 6.59 -21.34
C SER B 61 -16.29 7.56 -20.70
N THR B 62 -17.52 7.11 -20.46
CA THR B 62 -18.51 7.92 -19.76
C THR B 62 -18.74 7.41 -18.32
N LYS B 63 -18.14 6.25 -17.95
CA LYS B 63 -18.31 5.59 -16.67
C LYS B 63 -17.78 6.43 -15.53
N SER B 64 -18.67 6.77 -14.59
CA SER B 64 -18.41 7.58 -13.40
C SER B 64 -18.05 9.03 -13.70
N VAL B 65 -18.40 9.50 -14.90
CA VAL B 65 -18.17 10.85 -15.33
C VAL B 65 -19.44 11.67 -15.09
N ASP B 66 -19.30 12.80 -14.39
CA ASP B 66 -20.41 13.71 -14.14
C ASP B 66 -20.29 14.86 -15.12
N PRO B 67 -21.23 14.96 -16.08
CA PRO B 67 -21.16 16.07 -17.05
C PRO B 67 -21.30 17.45 -16.41
N GLU B 68 -21.89 17.55 -15.21
CA GLU B 68 -22.06 18.81 -14.49
C GLU B 68 -20.71 19.41 -14.03
N LYS B 69 -19.70 18.55 -13.79
CA LYS B 69 -18.39 19.02 -13.35
C LYS B 69 -17.58 19.68 -14.50
N ALA B 70 -18.01 19.53 -15.77
CA ALA B 70 -17.31 20.15 -16.90
C ALA B 70 -17.29 21.68 -16.78
N LYS B 71 -18.26 22.28 -16.07
CA LYS B 71 -18.38 23.72 -15.81
C LYS B 71 -17.21 24.25 -14.95
N LEU B 72 -16.55 23.37 -14.17
CA LEU B 72 -15.46 23.76 -13.29
C LEU B 72 -14.20 24.09 -14.05
N ARG B 73 -13.94 23.36 -15.13
CA ARG B 73 -12.76 23.48 -15.98
C ARG B 73 -12.50 24.94 -16.39
N GLY B 74 -11.34 25.46 -15.99
CA GLY B 74 -10.92 26.82 -16.31
C GLY B 74 -11.36 27.87 -15.31
N THR B 75 -11.82 27.46 -14.11
CA THR B 75 -12.29 28.41 -13.10
C THR B 75 -11.55 28.25 -11.75
N THR B 76 -11.63 29.28 -10.90
CA THR B 76 -11.09 29.26 -9.54
C THR B 76 -12.24 29.57 -8.59
N GLN B 77 -12.60 28.61 -7.73
CA GLN B 77 -13.73 28.78 -6.83
C GLN B 77 -13.37 28.40 -5.40
N LYS B 78 -13.95 29.11 -4.41
CA LYS B 78 -13.70 28.81 -3.00
C LYS B 78 -14.40 27.52 -2.64
N VAL B 79 -13.71 26.62 -1.93
CA VAL B 79 -14.28 25.34 -1.51
C VAL B 79 -15.26 25.55 -0.33
N ASN B 80 -16.23 24.63 -0.17
CA ASN B 80 -17.21 24.75 0.91
C ASN B 80 -16.58 24.39 2.27
N ARG B 81 -17.25 24.79 3.37
CA ARG B 81 -16.82 24.59 4.76
C ARG B 81 -16.35 23.14 5.03
N ILE B 82 -17.13 22.11 4.63
CA ILE B 82 -16.80 20.69 4.78
C ILE B 82 -15.42 20.36 4.15
N ARG B 83 -15.20 20.78 2.89
CA ARG B 83 -13.98 20.51 2.14
C ARG B 83 -12.78 21.28 2.70
N GLU B 84 -12.98 22.49 3.20
CA GLU B 84 -11.91 23.30 3.79
C GLU B 84 -11.39 22.63 5.08
N ILE B 85 -12.31 22.10 5.88
CA ILE B 85 -11.95 21.44 7.14
C ILE B 85 -11.29 20.08 6.86
N THR B 86 -11.81 19.27 5.89
CA THR B 86 -11.20 18.00 5.51
C THR B 86 -9.72 18.21 5.08
N ALA B 87 -9.47 19.23 4.23
CA ALA B 87 -8.13 19.59 3.77
C ALA B 87 -7.21 19.99 4.93
N MET B 88 -7.70 20.79 5.88
CA MET B 88 -6.93 21.21 7.06
C MET B 88 -6.58 20.01 7.96
N LYS B 89 -7.59 19.18 8.26
CA LYS B 89 -7.47 18.07 9.18
C LYS B 89 -6.61 16.95 8.64
N THR B 90 -6.71 16.61 7.35
CA THR B 90 -5.92 15.50 6.80
C THR B 90 -4.45 15.90 6.65
N VAL B 91 -4.14 17.16 6.28
CA VAL B 91 -2.74 17.60 6.19
C VAL B 91 -2.12 17.58 7.60
N GLU B 92 -2.87 18.05 8.62
CA GLU B 92 -2.40 18.11 9.99
C GLU B 92 -2.23 16.73 10.60
N ALA B 93 -3.22 15.85 10.41
CA ALA B 93 -3.24 14.50 10.95
C ALA B 93 -1.93 13.73 10.68
N LEU B 94 -1.42 13.81 9.46
CA LEU B 94 -0.19 13.12 9.08
C LEU B 94 1.04 13.71 9.79
N GLN B 95 1.03 15.00 10.11
CA GLN B 95 2.16 15.67 10.78
C GLN B 95 2.21 15.38 12.29
N ILE B 96 1.09 14.99 12.91
CA ILE B 96 1.06 14.76 14.35
C ILE B 96 0.82 13.28 14.71
N SER B 97 1.09 12.36 13.78
CA SER B 97 0.95 10.94 14.01
C SER B 97 1.96 10.17 13.13
N ALA B 98 2.12 8.87 13.37
CA ALA B 98 3.04 8.04 12.60
C ALA B 98 2.21 7.00 11.87
N GLN B 99 1.66 7.37 10.71
CA GLN B 99 0.72 6.51 10.00
C GLN B 99 1.36 5.52 9.04
N LEU B 100 0.84 4.29 9.06
CA LEU B 100 1.25 3.22 8.16
C LEU B 100 0.04 2.30 7.93
N THR B 101 -0.01 1.63 6.76
CA THR B 101 -1.18 0.84 6.41
C THR B 101 -0.83 -0.62 6.23
N GLN B 102 -1.40 -1.48 7.07
CA GLN B 102 -1.18 -2.92 7.01
C GLN B 102 -2.32 -3.57 6.25
N LEU B 103 -2.01 -4.48 5.33
CA LEU B 103 -3.01 -5.11 4.48
C LEU B 103 -3.20 -6.58 4.78
N HIS B 104 -4.46 -6.98 4.93
CA HIS B 104 -4.87 -8.36 5.12
C HIS B 104 -5.99 -8.66 4.12
N GLU B 105 -6.15 -9.93 3.71
CA GLU B 105 -7.28 -10.29 2.87
C GLU B 105 -8.22 -11.23 3.64
N VAL B 106 -9.52 -11.06 3.44
CA VAL B 106 -10.52 -11.84 4.14
C VAL B 106 -11.44 -12.49 3.11
N ASP B 107 -11.75 -13.77 3.31
CA ASP B 107 -12.67 -14.51 2.48
C ASP B 107 -14.08 -14.24 2.96
N MET B 108 -14.82 -13.42 2.21
CA MET B 108 -16.20 -13.04 2.52
C MET B 108 -17.26 -13.98 1.94
N THR B 109 -16.86 -15.13 1.37
CA THR B 109 -17.81 -16.05 0.76
C THR B 109 -18.86 -16.58 1.73
N ARG B 110 -18.47 -16.92 2.96
CA ARG B 110 -19.44 -17.44 3.92
C ARG B 110 -20.42 -16.35 4.37
N VAL B 111 -19.93 -15.11 4.57
CA VAL B 111 -20.81 -14.00 4.94
C VAL B 111 -21.77 -13.71 3.76
N ALA B 112 -21.27 -13.80 2.49
CA ALA B 112 -22.10 -13.61 1.30
C ALA B 112 -23.22 -14.67 1.24
N GLU B 113 -22.90 -15.94 1.55
CA GLU B 113 -23.87 -17.04 1.53
C GLU B 113 -24.88 -16.89 2.66
N LEU B 114 -24.46 -16.41 3.83
CA LEU B 114 -25.34 -16.16 4.96
C LEU B 114 -26.30 -15.00 4.66
N ARG B 115 -25.77 -13.96 4.03
CA ARG B 115 -26.53 -12.78 3.64
C ARG B 115 -27.59 -13.16 2.63
N LYS B 116 -27.23 -13.95 1.61
CA LYS B 116 -28.15 -14.38 0.56
C LYS B 116 -29.30 -15.22 1.14
N LYS B 117 -28.97 -16.12 2.05
CA LYS B 117 -29.91 -17.04 2.68
C LYS B 117 -30.88 -16.34 3.64
N ASN B 118 -30.37 -15.41 4.47
CA ASN B 118 -31.21 -14.82 5.51
C ASN B 118 -31.73 -13.42 5.23
N LYS B 119 -31.32 -12.80 4.11
CA LYS B 119 -31.75 -11.44 3.75
C LYS B 119 -33.28 -11.29 3.71
N PRO B 120 -34.06 -12.18 3.06
CA PRO B 120 -35.53 -12.00 3.05
C PRO B 120 -36.16 -11.99 4.45
N ALA B 121 -35.74 -12.91 5.33
CA ALA B 121 -36.30 -12.96 6.68
C ALA B 121 -35.88 -11.75 7.50
N PHE B 122 -34.62 -11.30 7.36
CA PHE B 122 -34.06 -10.15 8.08
C PHE B 122 -34.81 -8.86 7.70
N ILE B 123 -35.04 -8.62 6.40
CA ILE B 123 -35.76 -7.44 5.93
C ILE B 123 -37.20 -7.46 6.46
N GLU B 124 -37.84 -8.64 6.41
CA GLU B 124 -39.20 -8.77 6.89
C GLU B 124 -39.32 -8.47 8.40
N LYS B 125 -38.40 -9.02 9.20
CA LYS B 125 -38.48 -8.83 10.65
C LYS B 125 -38.00 -7.45 11.11
N HIS B 126 -36.86 -6.99 10.61
CA HIS B 126 -36.24 -5.78 11.10
C HIS B 126 -36.61 -4.51 10.31
N GLY B 127 -37.05 -4.64 9.06
CA GLY B 127 -37.49 -3.51 8.26
C GLY B 127 -36.40 -2.76 7.53
N VAL B 128 -35.18 -3.28 7.56
CA VAL B 128 -34.03 -2.62 6.95
C VAL B 128 -33.26 -3.65 6.11
N ASN B 129 -32.61 -3.18 5.06
CA ASN B 129 -31.79 -4.03 4.19
C ASN B 129 -30.62 -4.65 4.95
N LEU B 130 -30.09 -5.76 4.43
CA LEU B 130 -28.93 -6.41 5.03
C LEU B 130 -27.78 -6.35 4.06
N THR B 131 -26.89 -5.39 4.23
CA THR B 131 -25.72 -5.22 3.38
C THR B 131 -24.49 -5.88 4.07
N TYR B 132 -23.27 -5.74 3.52
CA TYR B 132 -22.07 -6.29 4.18
C TYR B 132 -21.62 -5.44 5.33
N LEU B 133 -21.90 -4.13 5.31
CA LEU B 133 -21.42 -3.19 6.31
C LEU B 133 -21.75 -3.59 7.76
N PRO B 134 -22.97 -4.03 8.16
CA PRO B 134 -23.17 -4.42 9.56
C PRO B 134 -22.32 -5.62 10.01
N PHE B 135 -21.88 -6.48 9.06
CA PHE B 135 -21.01 -7.61 9.42
C PHE B 135 -19.59 -7.09 9.72
N PHE B 136 -19.11 -6.13 8.90
CA PHE B 136 -17.82 -5.51 9.11
C PHE B 136 -17.83 -4.71 10.40
N VAL B 137 -18.89 -3.92 10.62
CA VAL B 137 -19.04 -3.11 11.83
C VAL B 137 -19.07 -4.03 13.07
N LYS B 138 -19.89 -5.08 13.05
CA LYS B 138 -19.97 -5.99 14.19
C LYS B 138 -18.61 -6.65 14.48
N ALA B 139 -17.88 -7.10 13.45
CA ALA B 139 -16.58 -7.75 13.66
C ALA B 139 -15.52 -6.77 14.20
N VAL B 140 -15.49 -5.53 13.67
CA VAL B 140 -14.54 -4.50 14.07
C VAL B 140 -14.82 -4.00 15.50
N VAL B 141 -16.08 -3.76 15.82
CA VAL B 141 -16.48 -3.29 17.14
C VAL B 141 -16.13 -4.34 18.20
N GLU B 142 -16.39 -5.63 17.93
CA GLU B 142 -16.03 -6.70 18.87
C GLU B 142 -14.50 -6.76 19.05
N ALA B 143 -13.74 -6.57 17.96
CA ALA B 143 -12.27 -6.59 18.00
C ALA B 143 -11.72 -5.38 18.73
N LEU B 144 -12.42 -4.23 18.72
CA LEU B 144 -11.97 -3.05 19.45
C LEU B 144 -12.20 -3.23 20.95
N VAL B 145 -13.17 -4.06 21.36
CA VAL B 145 -13.42 -4.41 22.76
C VAL B 145 -12.29 -5.37 23.18
N SER B 146 -11.99 -6.38 22.36
CA SER B 146 -10.94 -7.38 22.63
C SER B 146 -9.53 -6.82 22.57
N HIS B 147 -9.34 -5.75 21.79
CA HIS B 147 -8.05 -5.08 21.62
C HIS B 147 -8.20 -3.63 22.06
N PRO B 148 -8.32 -3.40 23.40
CA PRO B 148 -8.47 -2.02 23.91
C PRO B 148 -7.29 -1.12 23.55
N ASN B 149 -6.12 -1.72 23.26
CA ASN B 149 -4.92 -1.00 22.87
C ASN B 149 -5.12 -0.27 21.51
N VAL B 150 -6.10 -0.70 20.67
CA VAL B 150 -6.38 -0.10 19.36
C VAL B 150 -7.50 0.98 19.51
N ASN B 151 -8.46 0.74 20.42
CA ASN B 151 -9.53 1.69 20.72
C ASN B 151 -8.98 2.67 21.76
N ALA B 152 -7.91 3.35 21.40
CA ALA B 152 -7.17 4.19 22.33
C ALA B 152 -6.68 5.50 21.69
N SER B 153 -6.22 6.46 22.52
CA SER B 153 -5.66 7.73 22.11
C SER B 153 -4.37 7.99 22.84
N PHE B 154 -3.38 8.59 22.16
CA PHE B 154 -2.11 8.91 22.77
C PHE B 154 -2.00 10.41 22.97
N ASN B 155 -1.42 10.81 24.10
CA ASN B 155 -1.13 12.20 24.43
C ASN B 155 0.38 12.32 24.37
N ALA B 156 0.93 12.96 23.34
CA ALA B 156 2.38 13.07 23.19
C ALA B 156 3.03 14.02 24.21
N LYS B 157 2.23 14.88 24.88
CA LYS B 157 2.79 15.80 25.87
C LYS B 157 2.98 15.08 27.21
N THR B 158 1.95 14.40 27.71
CA THR B 158 2.02 13.70 29.00
C THR B 158 2.50 12.24 28.89
N LYS B 159 2.61 11.72 27.65
CA LYS B 159 3.00 10.33 27.33
C LYS B 159 2.02 9.32 27.91
N GLU B 160 0.73 9.68 28.00
CA GLU B 160 -0.28 8.80 28.55
C GLU B 160 -1.23 8.24 27.49
N MET B 161 -1.52 6.95 27.59
CA MET B 161 -2.44 6.27 26.69
C MET B 161 -3.79 6.15 27.36
N THR B 162 -4.84 6.60 26.67
CA THR B 162 -6.19 6.49 27.19
C THR B 162 -6.91 5.40 26.44
N TYR B 163 -7.36 4.36 27.15
CA TYR B 163 -8.08 3.24 26.56
C TYR B 163 -9.55 3.48 26.79
N HIS B 164 -10.25 3.89 25.72
CA HIS B 164 -11.67 4.23 25.75
C HIS B 164 -12.55 3.05 26.09
N SER B 165 -13.51 3.22 27.01
CA SER B 165 -14.44 2.13 27.33
C SER B 165 -15.58 2.07 26.28
N SER B 166 -15.89 3.19 25.62
CA SER B 166 -16.87 3.21 24.54
C SER B 166 -16.20 2.98 23.19
N VAL B 167 -16.88 2.25 22.32
CA VAL B 167 -16.46 2.09 20.94
C VAL B 167 -17.37 3.01 20.15
N ASN B 168 -16.93 4.25 19.88
CA ASN B 168 -17.73 5.19 19.11
C ASN B 168 -17.22 5.12 17.68
N LEU B 169 -17.90 4.33 16.86
CA LEU B 169 -17.43 4.05 15.52
C LEU B 169 -17.82 5.10 14.49
N SER B 170 -16.81 5.78 13.92
CA SER B 170 -17.01 6.74 12.84
C SER B 170 -17.21 5.99 11.53
N ILE B 171 -18.16 6.45 10.73
CA ILE B 171 -18.51 5.89 9.43
C ILE B 171 -18.26 6.95 8.39
N ALA B 172 -17.38 6.72 7.41
CA ALA B 172 -17.15 7.69 6.35
C ALA B 172 -18.29 7.63 5.36
N VAL B 173 -18.94 8.77 5.15
CA VAL B 173 -20.08 8.90 4.26
C VAL B 173 -19.75 9.87 3.11
N ASP B 174 -19.72 9.35 1.88
CA ASP B 174 -19.48 10.17 0.70
C ASP B 174 -20.79 10.87 0.34
N THR B 175 -20.77 12.20 0.29
CA THR B 175 -21.95 13.01 -0.05
C THR B 175 -21.58 14.00 -1.19
N PRO B 176 -22.56 14.49 -1.95
CA PRO B 176 -22.22 15.48 -3.01
C PRO B 176 -21.48 16.71 -2.47
N ALA B 177 -21.77 17.14 -1.22
CA ALA B 177 -21.11 18.29 -0.60
C ALA B 177 -19.67 17.96 -0.07
N GLY B 178 -19.30 16.68 -0.04
CA GLY B 178 -18.00 16.23 0.43
C GLY B 178 -18.08 15.12 1.46
N LEU B 179 -16.93 14.71 1.98
CA LEU B 179 -16.86 13.63 2.95
C LEU B 179 -17.35 14.08 4.35
N LEU B 180 -18.23 13.27 4.94
CA LEU B 180 -18.71 13.49 6.28
C LEU B 180 -18.44 12.23 7.10
N THR B 181 -18.16 12.37 8.41
CA THR B 181 -17.86 11.18 9.21
C THR B 181 -18.70 11.14 10.48
N PRO B 182 -20.00 10.78 10.34
CA PRO B 182 -20.83 10.64 11.55
C PRO B 182 -20.35 9.46 12.41
N VAL B 183 -20.71 9.50 13.71
CA VAL B 183 -20.28 8.53 14.70
C VAL B 183 -21.45 7.71 15.27
N ILE B 184 -21.27 6.40 15.38
CA ILE B 184 -22.21 5.50 16.07
C ILE B 184 -21.69 5.36 17.49
N HIS B 185 -22.29 6.09 18.43
CA HIS B 185 -21.85 6.08 19.82
C HIS B 185 -22.21 4.79 20.50
N ASP B 186 -21.29 4.24 21.30
CA ASP B 186 -21.49 3.00 22.05
C ASP B 186 -21.97 1.87 21.16
N ALA B 187 -21.26 1.72 20.01
CA ALA B 187 -21.53 0.70 19.02
C ALA B 187 -21.35 -0.73 19.58
N GLN B 188 -20.59 -0.87 20.68
CA GLN B 188 -20.36 -2.16 21.33
C GLN B 188 -21.65 -2.76 21.90
N ASP B 189 -22.65 -1.92 22.23
CA ASP B 189 -23.93 -2.37 22.77
C ASP B 189 -24.96 -2.63 21.68
N LEU B 190 -24.59 -2.56 20.40
CA LEU B 190 -25.55 -2.71 19.31
C LEU B 190 -25.57 -4.07 18.68
N SER B 191 -26.75 -4.49 18.27
CA SER B 191 -26.93 -5.71 17.51
C SER B 191 -26.76 -5.41 16.00
N ILE B 192 -26.60 -6.44 15.14
CA ILE B 192 -26.52 -6.24 13.70
C ILE B 192 -27.80 -5.49 13.19
N PRO B 193 -29.05 -5.84 13.61
CA PRO B 193 -30.21 -5.04 13.16
C PRO B 193 -30.12 -3.55 13.56
N GLU B 194 -29.67 -3.25 14.78
CA GLU B 194 -29.51 -1.88 15.26
C GLU B 194 -28.43 -1.13 14.49
N ILE B 195 -27.35 -1.83 14.13
CA ILE B 195 -26.25 -1.28 13.36
C ILE B 195 -26.77 -0.90 11.96
N ALA B 196 -27.48 -1.82 11.30
CA ALA B 196 -28.06 -1.61 9.98
C ALA B 196 -28.99 -0.36 9.94
N LYS B 197 -29.75 -0.14 11.03
CA LYS B 197 -30.63 1.01 11.14
C LYS B 197 -29.83 2.30 11.38
N ALA B 198 -28.80 2.23 12.22
CA ALA B 198 -27.94 3.39 12.49
C ALA B 198 -27.25 3.87 11.22
N ILE B 199 -26.77 2.93 10.37
CA ILE B 199 -26.10 3.28 9.13
C ILE B 199 -27.07 4.02 8.21
N VAL B 200 -28.29 3.48 8.01
CA VAL B 200 -29.29 4.10 7.13
C VAL B 200 -29.61 5.50 7.63
N ASP B 201 -29.84 5.65 8.93
CA ASP B 201 -30.13 6.95 9.52
C ASP B 201 -28.97 7.95 9.33
N LEU B 202 -27.74 7.61 9.73
CA LEU B 202 -26.62 8.52 9.67
C LEU B 202 -26.22 8.88 8.25
N ALA B 203 -26.30 7.92 7.32
CA ALA B 203 -25.98 8.21 5.93
C ALA B 203 -27.02 9.16 5.34
N ASP B 204 -28.30 8.96 5.66
CA ASP B 204 -29.36 9.84 5.16
C ASP B 204 -29.18 11.26 5.67
N ARG B 205 -28.93 11.42 6.98
CA ARG B 205 -28.80 12.74 7.57
C ARG B 205 -27.47 13.42 7.16
N SER B 206 -26.45 12.65 6.75
CA SER B 206 -25.21 13.23 6.25
C SER B 206 -25.48 13.89 4.89
N ARG B 207 -26.24 13.20 4.01
CA ARG B 207 -26.56 13.67 2.68
C ARG B 207 -27.58 14.83 2.69
N ASN B 208 -28.47 14.85 3.69
CA ASN B 208 -29.48 15.89 3.76
C ASN B 208 -29.17 16.98 4.81
N ASN B 209 -27.89 17.11 5.21
CA ASN B 209 -27.41 18.10 6.18
C ASN B 209 -28.33 18.21 7.43
N LYS B 210 -28.57 17.06 8.07
CA LYS B 210 -29.39 17.02 9.27
C LYS B 210 -28.61 16.35 10.44
N LEU B 211 -27.27 16.52 10.45
CA LEU B 211 -26.43 15.98 11.50
C LEU B 211 -26.26 17.01 12.61
N LYS B 212 -26.40 16.57 13.85
CA LYS B 212 -26.26 17.40 15.03
C LYS B 212 -24.78 17.43 15.49
N PRO B 213 -24.36 18.34 16.40
CA PRO B 213 -22.95 18.39 16.81
C PRO B 213 -22.45 17.12 17.52
N ASN B 214 -23.29 16.41 18.30
CA ASN B 214 -22.83 15.19 18.98
C ASN B 214 -22.64 14.02 17.97
N ASP B 215 -23.40 14.05 16.85
CA ASP B 215 -23.32 13.07 15.78
C ASP B 215 -21.95 13.01 15.11
N LEU B 216 -21.12 14.05 15.25
CA LEU B 216 -19.82 14.15 14.60
C LEU B 216 -18.63 14.10 15.56
N SER B 217 -18.87 14.05 16.89
CA SER B 217 -17.79 14.04 17.87
C SER B 217 -17.71 12.71 18.64
N GLY B 218 -16.57 12.47 19.29
CA GLY B 218 -16.39 11.30 20.14
C GLY B 218 -15.88 10.02 19.52
N GLY B 219 -15.71 10.00 18.20
CA GLY B 219 -15.20 8.83 17.50
C GLY B 219 -13.89 8.28 18.05
N THR B 220 -13.83 6.96 18.23
CA THR B 220 -12.64 6.30 18.77
C THR B 220 -11.92 5.44 17.69
N PHE B 221 -12.60 5.12 16.58
CA PHE B 221 -12.11 4.35 15.43
C PHE B 221 -12.99 4.67 14.21
N THR B 222 -12.46 4.54 12.98
CA THR B 222 -13.27 4.80 11.79
C THR B 222 -13.27 3.61 10.84
N ILE B 223 -14.37 3.44 10.11
CA ILE B 223 -14.43 2.46 9.05
C ILE B 223 -14.89 3.21 7.79
N THR B 224 -14.18 3.01 6.68
CA THR B 224 -14.43 3.69 5.43
C THR B 224 -14.56 2.69 4.28
N ASN B 225 -15.56 2.84 3.40
CA ASN B 225 -15.73 1.91 2.30
C ASN B 225 -14.94 2.39 1.09
N ILE B 226 -13.64 2.07 1.06
CA ILE B 226 -12.80 2.49 -0.06
C ILE B 226 -13.16 1.76 -1.39
N GLY B 227 -13.83 0.62 -1.30
CA GLY B 227 -14.26 -0.10 -2.49
C GLY B 227 -15.58 0.38 -3.04
N SER B 228 -16.14 1.48 -2.52
CA SER B 228 -17.41 2.01 -3.02
C SER B 228 -17.29 2.47 -4.46
N GLU B 229 -16.11 2.96 -4.86
CA GLU B 229 -15.90 3.39 -6.24
C GLU B 229 -14.85 2.48 -6.97
N GLY B 230 -14.77 1.21 -6.56
CA GLY B 230 -14.00 0.18 -7.22
C GLY B 230 -12.62 -0.19 -6.71
N ALA B 231 -12.07 0.56 -5.76
CA ALA B 231 -10.72 0.31 -5.26
C ALA B 231 -10.59 -1.01 -4.53
N LEU B 232 -9.46 -1.67 -4.76
CA LEU B 232 -9.07 -2.88 -4.05
C LEU B 232 -8.61 -2.53 -2.66
N SER B 233 -7.84 -1.44 -2.55
CA SER B 233 -7.27 -0.99 -1.30
C SER B 233 -6.87 0.49 -1.40
N ASP B 234 -6.43 1.07 -0.28
CA ASP B 234 -6.00 2.46 -0.16
C ASP B 234 -5.17 2.56 1.13
N THR B 235 -4.61 3.73 1.42
CA THR B 235 -3.91 3.97 2.68
C THR B 235 -4.70 5.10 3.35
N PRO B 236 -5.93 4.83 3.88
CA PRO B 236 -6.73 5.95 4.42
C PRO B 236 -6.04 6.74 5.50
N ILE B 237 -6.35 8.03 5.61
CA ILE B 237 -5.74 8.91 6.61
C ILE B 237 -6.53 8.86 7.93
N LEU B 238 -5.88 8.45 9.05
CA LEU B 238 -6.56 8.49 10.34
C LEU B 238 -6.48 9.91 10.89
N VAL B 239 -7.46 10.28 11.72
CA VAL B 239 -7.48 11.62 12.31
C VAL B 239 -7.35 11.54 13.81
N PRO B 240 -6.19 11.94 14.39
CA PRO B 240 -6.06 11.96 15.86
C PRO B 240 -7.18 12.81 16.49
N PRO B 241 -7.71 12.41 17.67
CA PRO B 241 -7.18 11.43 18.61
C PRO B 241 -7.37 9.96 18.26
N GLN B 242 -7.99 9.63 17.12
CA GLN B 242 -8.15 8.22 16.77
C GLN B 242 -6.80 7.57 16.42
N ALA B 243 -6.68 6.27 16.64
CA ALA B 243 -5.42 5.56 16.37
C ALA B 243 -5.52 4.57 15.17
N GLY B 244 -6.70 4.42 14.59
CA GLY B 244 -6.89 3.54 13.46
C GLY B 244 -8.09 3.87 12.61
N ILE B 245 -7.99 3.51 11.33
CA ILE B 245 -9.08 3.63 10.38
C ILE B 245 -9.00 2.39 9.49
N LEU B 246 -10.06 1.57 9.49
CA LEU B 246 -10.08 0.39 8.65
C LEU B 246 -10.83 0.70 7.35
N GLY B 247 -10.23 0.37 6.23
CA GLY B 247 -10.87 0.51 4.94
C GLY B 247 -11.42 -0.83 4.48
N THR B 248 -12.58 -0.84 3.86
CA THR B 248 -13.14 -2.07 3.30
C THR B 248 -13.01 -1.94 1.77
N GLY B 249 -12.07 -2.67 1.19
CA GLY B 249 -11.89 -2.64 -0.26
C GLY B 249 -13.06 -3.32 -0.98
N ALA B 250 -13.00 -3.35 -2.32
CA ALA B 250 -14.07 -3.98 -3.08
C ALA B 250 -14.09 -5.50 -2.80
N ILE B 251 -15.28 -6.09 -2.72
CA ILE B 251 -15.39 -7.53 -2.55
C ILE B 251 -15.38 -8.05 -3.94
N VAL B 252 -14.35 -8.78 -4.28
CA VAL B 252 -14.12 -9.22 -5.66
C VAL B 252 -14.04 -10.73 -5.75
N LYS B 253 -14.57 -11.33 -6.82
CA LYS B 253 -14.40 -12.76 -7.03
C LYS B 253 -12.96 -13.00 -7.51
N ARG B 254 -12.16 -13.73 -6.73
CA ARG B 254 -10.76 -13.98 -7.10
C ARG B 254 -10.47 -15.47 -7.02
N PRO B 255 -9.58 -16.03 -7.86
CA PRO B 255 -9.21 -17.45 -7.68
C PRO B 255 -8.23 -17.57 -6.51
N VAL B 256 -8.53 -18.42 -5.54
CA VAL B 256 -7.69 -18.59 -4.35
C VAL B 256 -7.46 -20.10 -4.07
N VAL B 257 -6.49 -20.44 -3.21
CA VAL B 257 -6.25 -21.83 -2.86
C VAL B 257 -7.09 -22.16 -1.64
N ILE B 258 -7.75 -23.31 -1.69
CA ILE B 258 -8.65 -23.85 -0.68
C ILE B 258 -8.15 -25.22 -0.23
N THR B 259 -8.16 -25.48 1.09
CA THR B 259 -7.74 -26.77 1.61
C THR B 259 -8.93 -27.49 2.24
N GLU B 260 -9.36 -28.59 1.62
CA GLU B 260 -10.48 -29.40 2.13
C GLU B 260 -9.97 -30.81 2.31
N ASP B 261 -9.97 -31.31 3.56
CA ASP B 261 -9.49 -32.64 3.94
C ASP B 261 -8.01 -32.82 3.55
N GLY B 262 -7.21 -31.77 3.76
CA GLY B 262 -5.78 -31.80 3.48
C GLY B 262 -5.38 -31.74 2.02
N ILE B 263 -6.33 -31.44 1.10
CA ILE B 263 -5.99 -31.35 -0.32
C ILE B 263 -6.27 -29.93 -0.86
N ASP B 264 -5.27 -29.35 -1.53
CA ASP B 264 -5.32 -28.00 -2.09
C ASP B 264 -5.98 -27.97 -3.46
N SER B 265 -6.84 -26.97 -3.66
CA SER B 265 -7.53 -26.77 -4.94
C SER B 265 -7.73 -25.27 -5.21
N ILE B 266 -7.92 -24.90 -6.47
CA ILE B 266 -8.17 -23.50 -6.82
C ILE B 266 -9.67 -23.30 -6.92
N ALA B 267 -10.20 -22.30 -6.21
CA ALA B 267 -11.63 -22.02 -6.20
C ALA B 267 -11.92 -20.53 -6.29
N ILE B 268 -13.09 -20.18 -6.80
CA ILE B 268 -13.50 -18.78 -6.87
C ILE B 268 -14.12 -18.39 -5.53
N ARG B 269 -13.57 -17.37 -4.88
CA ARG B 269 -14.11 -16.91 -3.61
C ARG B 269 -14.30 -15.39 -3.65
N GLN B 270 -15.21 -14.88 -2.84
CA GLN B 270 -15.44 -13.44 -2.74
C GLN B 270 -14.47 -12.94 -1.74
N MET B 271 -13.41 -12.32 -2.18
CA MET B 271 -12.33 -11.85 -1.33
C MET B 271 -12.36 -10.34 -1.15
N VAL B 272 -11.94 -9.86 0.00
CA VAL B 272 -11.86 -8.42 0.25
C VAL B 272 -10.48 -8.09 0.88
N PHE B 273 -9.91 -6.93 0.54
CA PHE B 273 -8.71 -6.45 1.21
C PHE B 273 -9.14 -5.52 2.32
N LEU B 274 -8.59 -5.68 3.51
CA LEU B 274 -8.90 -4.81 4.63
C LEU B 274 -7.63 -4.05 5.03
N PRO B 275 -7.40 -2.89 4.42
CA PRO B 275 -6.25 -2.08 4.81
C PRO B 275 -6.52 -1.36 6.13
N LEU B 276 -5.62 -1.50 7.11
CA LEU B 276 -5.74 -0.79 8.35
C LEU B 276 -4.65 0.29 8.46
N THR B 277 -5.04 1.58 8.51
CA THR B 277 -4.08 2.61 8.80
C THR B 277 -4.04 2.75 10.30
N TYR B 278 -2.86 2.60 10.89
CA TYR B 278 -2.74 2.70 12.35
C TYR B 278 -1.64 3.69 12.72
N ASP B 279 -1.77 4.27 13.92
CA ASP B 279 -0.78 5.23 14.40
C ASP B 279 0.26 4.45 15.15
N HIS B 280 1.51 4.48 14.71
CA HIS B 280 2.59 3.75 15.37
C HIS B 280 2.86 4.30 16.78
N GLN B 281 2.34 5.48 17.14
CA GLN B 281 2.44 5.98 18.53
C GLN B 281 1.61 5.14 19.49
N VAL B 282 0.53 4.50 18.98
CA VAL B 282 -0.44 3.75 19.76
C VAL B 282 -0.38 2.24 19.47
N VAL B 283 -0.18 1.86 18.18
CA VAL B 283 -0.25 0.48 17.68
C VAL B 283 0.99 0.07 16.89
N ASP B 284 1.60 -1.07 17.25
CA ASP B 284 2.77 -1.63 16.51
C ASP B 284 2.27 -2.53 15.36
N GLY B 285 3.17 -2.94 14.47
CA GLY B 285 2.81 -3.84 13.37
C GLY B 285 2.17 -5.15 13.84
N ALA B 286 2.69 -5.74 14.91
CA ALA B 286 2.21 -7.00 15.46
C ALA B 286 0.83 -6.81 16.10
N ASP B 287 0.62 -5.68 16.78
CA ASP B 287 -0.64 -5.30 17.39
C ASP B 287 -1.71 -5.16 16.32
N ALA B 288 -1.36 -4.51 15.19
CA ALA B 288 -2.25 -4.31 14.06
C ALA B 288 -2.64 -5.66 13.43
N GLY B 289 -1.65 -6.55 13.28
CA GLY B 289 -1.90 -7.89 12.75
C GLY B 289 -2.79 -8.74 13.65
N ARG B 290 -2.59 -8.67 14.97
CA ARG B 290 -3.41 -9.43 15.91
C ARG B 290 -4.85 -8.92 15.88
N PHE B 291 -5.02 -7.59 15.84
CA PHE B 291 -6.34 -6.97 15.81
C PHE B 291 -7.08 -7.38 14.52
N LEU B 292 -6.38 -7.35 13.38
CA LEU B 292 -6.96 -7.75 12.11
C LEU B 292 -7.19 -9.27 12.01
N THR B 293 -6.39 -10.07 12.71
CA THR B 293 -6.56 -11.52 12.73
C THR B 293 -7.87 -11.88 13.40
N THR B 294 -8.25 -11.16 14.49
CA THR B 294 -9.49 -11.40 15.20
C THR B 294 -10.69 -11.09 14.27
N ILE B 295 -10.60 -9.94 13.54
CA ILE B 295 -11.64 -9.50 12.62
C ILE B 295 -11.80 -10.52 11.50
N LYS B 296 -10.68 -10.96 10.91
CA LYS B 296 -10.66 -11.92 9.82
C LYS B 296 -11.24 -13.24 10.27
N ASP B 297 -10.89 -13.69 11.47
CA ASP B 297 -11.39 -14.95 11.99
C ASP B 297 -12.90 -14.89 12.18
N ARG B 298 -13.41 -13.79 12.76
CA ARG B 298 -14.84 -13.61 12.96
C ARG B 298 -15.60 -13.63 11.62
N LEU B 299 -15.08 -12.91 10.59
CA LEU B 299 -15.74 -12.84 9.29
C LEU B 299 -15.67 -14.16 8.51
N GLU B 300 -14.52 -14.84 8.54
CA GLU B 300 -14.35 -16.10 7.81
C GLU B 300 -15.10 -17.25 8.48
N THR B 301 -15.26 -17.22 9.82
CA THR B 301 -16.05 -18.24 10.51
C THR B 301 -17.54 -18.03 10.18
N ALA B 302 -17.97 -16.75 10.07
CA ALA B 302 -19.29 -16.27 9.69
C ALA B 302 -20.39 -16.88 10.55
N ASN B 303 -20.17 -16.92 11.86
CA ASN B 303 -21.19 -17.40 12.79
C ASN B 303 -22.02 -16.19 13.20
N PHE B 304 -22.83 -15.68 12.27
CA PHE B 304 -23.67 -14.50 12.51
C PHE B 304 -25.16 -14.80 12.54
N GLU B 305 -25.60 -16.06 12.38
CA GLU B 305 -27.03 -16.38 12.35
C GLU B 305 -27.80 -15.86 13.60
N GLY B 306 -27.24 -16.05 14.78
CA GLY B 306 -27.81 -15.54 16.02
C GLY B 306 -27.80 -14.03 16.06
N ASP B 307 -26.75 -13.42 15.53
CA ASP B 307 -26.60 -11.96 15.46
C ASP B 307 -27.69 -11.30 14.61
N LEU B 308 -28.23 -12.04 13.62
CA LEU B 308 -29.29 -11.49 12.78
C LEU B 308 -30.63 -11.40 13.50
N GLN B 309 -30.76 -12.01 14.70
CA GLN B 309 -31.95 -11.99 15.55
C GLN B 309 -33.21 -12.33 14.76
N LEU B 310 -33.15 -13.41 13.98
CA LEU B 310 -34.30 -13.85 13.22
C LEU B 310 -35.18 -14.69 14.12
N SER C 58 29.76 -18.68 -7.23
CA SER C 58 28.99 -18.35 -6.04
C SER C 58 27.47 -18.35 -6.34
N ALA C 59 26.66 -18.53 -5.28
CA ALA C 59 25.21 -18.54 -5.42
C ALA C 59 24.59 -17.13 -5.38
N TRP C 60 25.41 -16.07 -5.19
CA TRP C 60 24.88 -14.70 -5.17
C TRP C 60 24.20 -14.34 -6.49
N SER C 61 23.15 -13.53 -6.40
CA SER C 61 22.45 -13.06 -7.58
C SER C 61 23.23 -11.93 -8.25
N THR C 62 23.31 -11.94 -9.59
CA THR C 62 23.94 -10.85 -10.33
C THR C 62 22.86 -10.00 -11.05
N LYS C 63 21.58 -10.39 -11.00
CA LYS C 63 20.48 -9.74 -11.68
C LYS C 63 20.23 -8.34 -11.15
N SER C 64 20.35 -7.34 -12.06
CA SER C 64 20.17 -5.91 -11.81
C SER C 64 21.24 -5.32 -10.90
N VAL C 65 22.37 -6.02 -10.76
CA VAL C 65 23.49 -5.58 -9.96
C VAL C 65 24.47 -4.87 -10.89
N ASP C 66 24.89 -3.65 -10.52
CA ASP C 66 25.88 -2.91 -11.30
C ASP C 66 27.23 -3.09 -10.61
N PRO C 67 28.17 -3.81 -11.24
CA PRO C 67 29.47 -4.03 -10.60
C PRO C 67 30.24 -2.74 -10.33
N GLU C 68 29.93 -1.66 -11.09
CA GLU C 68 30.59 -0.35 -10.96
C GLU C 68 30.27 0.33 -9.63
N LYS C 69 29.09 0.03 -9.06
CA LYS C 69 28.68 0.62 -7.78
C LYS C 69 29.43 0.03 -6.58
N ALA C 70 30.16 -1.09 -6.74
CA ALA C 70 30.94 -1.67 -5.65
C ALA C 70 31.99 -0.71 -5.09
N LYS C 71 32.48 0.25 -5.92
CA LYS C 71 33.48 1.22 -5.46
C LYS C 71 32.87 2.18 -4.42
N LEU C 72 31.51 2.44 -4.47
CA LEU C 72 30.83 3.35 -3.53
C LEU C 72 31.01 2.91 -2.08
N ARG C 73 31.01 1.61 -1.84
CA ARG C 73 31.12 0.99 -0.53
C ARG C 73 32.30 1.55 0.27
N GLY C 74 32.00 2.17 1.40
CA GLY C 74 33.00 2.77 2.28
C GLY C 74 33.38 4.22 1.95
N THR C 75 32.57 4.91 1.14
CA THR C 75 32.88 6.30 0.76
C THR C 75 31.74 7.28 1.11
N THR C 76 32.07 8.59 1.15
CA THR C 76 31.13 9.68 1.37
C THR C 76 31.22 10.63 0.17
N GLN C 77 30.14 10.79 -0.59
CA GLN C 77 30.16 11.62 -1.79
C GLN C 77 29.00 12.59 -1.85
N LYS C 78 29.24 13.85 -2.25
CA LYS C 78 28.17 14.83 -2.36
C LYS C 78 27.35 14.54 -3.60
N VAL C 79 26.02 14.58 -3.48
CA VAL C 79 25.13 14.31 -4.61
C VAL C 79 25.07 15.50 -5.59
N ASN C 80 24.62 15.25 -6.83
CA ASN C 80 24.46 16.29 -7.86
C ASN C 80 23.19 17.16 -7.62
N ARG C 81 23.08 18.32 -8.31
CA ARG C 81 21.94 19.23 -8.17
C ARG C 81 20.58 18.55 -8.46
N ILE C 82 20.47 17.71 -9.51
CA ILE C 82 19.23 16.99 -9.88
C ILE C 82 18.67 16.21 -8.66
N ARG C 83 19.52 15.36 -8.04
CA ARG C 83 19.22 14.50 -6.91
C ARG C 83 19.00 15.32 -5.63
N GLU C 84 19.83 16.35 -5.41
CA GLU C 84 19.71 17.27 -4.27
C GLU C 84 18.32 17.96 -4.27
N ILE C 85 17.81 18.28 -5.48
CA ILE C 85 16.51 18.92 -5.65
C ILE C 85 15.43 17.89 -5.33
N THR C 86 15.52 16.72 -5.94
CA THR C 86 14.58 15.62 -5.73
C THR C 86 14.49 15.24 -4.22
N ALA C 87 15.55 15.50 -3.42
CA ALA C 87 15.59 15.19 -1.99
C ALA C 87 14.89 16.26 -1.11
N MET C 88 15.23 17.55 -1.24
CA MET C 88 14.58 18.58 -0.42
C MET C 88 13.11 18.75 -0.79
N LYS C 89 12.83 18.67 -2.10
CA LYS C 89 11.48 18.84 -2.63
C LYS C 89 10.58 17.68 -2.29
N THR C 90 11.07 16.40 -2.30
CA THR C 90 10.16 15.28 -1.96
C THR C 90 9.84 15.26 -0.46
N VAL C 91 10.78 15.67 0.39
CA VAL C 91 10.53 15.74 1.84
C VAL C 91 9.48 16.82 2.12
N GLU C 92 9.55 17.96 1.40
CA GLU C 92 8.62 19.07 1.59
C GLU C 92 7.22 18.73 1.11
N ALA C 93 7.11 18.08 -0.06
CA ALA C 93 5.85 17.71 -0.71
C ALA C 93 4.89 16.99 0.24
N LEU C 94 5.40 16.03 1.03
CA LEU C 94 4.64 15.24 1.99
C LEU C 94 4.17 16.09 3.18
N GLN C 95 4.94 17.12 3.57
CA GLN C 95 4.58 17.97 4.71
C GLN C 95 3.52 19.02 4.36
N ILE C 96 3.34 19.35 3.08
CA ILE C 96 2.37 20.38 2.68
C ILE C 96 1.15 19.80 1.92
N SER C 97 0.92 18.51 2.00
CA SER C 97 -0.20 17.86 1.34
C SER C 97 -0.66 16.65 2.18
N ALA C 98 -1.82 16.09 1.84
CA ALA C 98 -2.35 14.93 2.57
C ALA C 98 -2.38 13.77 1.60
N GLN C 99 -1.24 13.10 1.42
CA GLN C 99 -1.10 12.05 0.42
C GLN C 99 -1.52 10.68 0.90
N LEU C 100 -2.21 9.98 0.00
CA LEU C 100 -2.66 8.61 0.20
C LEU C 100 -2.73 7.92 -1.17
N THR C 101 -2.52 6.59 -1.21
CA THR C 101 -2.44 5.88 -2.48
C THR C 101 -3.53 4.84 -2.61
N GLN C 102 -4.44 5.04 -3.55
CA GLN C 102 -5.55 4.13 -3.81
C GLN C 102 -5.16 3.16 -4.92
N LEU C 103 -5.44 1.88 -4.75
CA LEU C 103 -5.06 0.88 -5.73
C LEU C 103 -6.24 0.25 -6.46
N HIS C 104 -6.13 0.21 -7.78
CA HIS C 104 -7.08 -0.43 -8.67
C HIS C 104 -6.32 -1.37 -9.60
N GLU C 105 -6.96 -2.43 -10.10
CA GLU C 105 -6.32 -3.30 -11.08
C GLU C 105 -7.08 -3.20 -12.41
N VAL C 106 -6.34 -3.22 -13.51
CA VAL C 106 -6.89 -3.07 -14.84
C VAL C 106 -6.45 -4.24 -15.70
N ASP C 107 -7.37 -4.81 -16.47
CA ASP C 107 -7.10 -5.90 -17.39
C ASP C 107 -6.60 -5.31 -18.69
N MET C 108 -5.30 -5.40 -18.94
CA MET C 108 -4.64 -4.87 -20.12
C MET C 108 -4.57 -5.86 -21.29
N THR C 109 -5.24 -7.02 -21.20
CA THR C 109 -5.18 -8.04 -22.25
C THR C 109 -5.66 -7.53 -23.62
N ARG C 110 -6.74 -6.73 -23.66
CA ARG C 110 -7.23 -6.21 -24.95
C ARG C 110 -6.26 -5.17 -25.53
N VAL C 111 -5.69 -4.29 -24.69
CA VAL C 111 -4.71 -3.31 -25.15
C VAL C 111 -3.46 -4.06 -25.66
N ALA C 112 -3.03 -5.14 -24.97
CA ALA C 112 -1.89 -5.96 -25.38
C ALA C 112 -2.13 -6.59 -26.76
N GLU C 113 -3.35 -7.09 -27.01
CA GLU C 113 -3.71 -7.71 -28.29
C GLU C 113 -3.77 -6.66 -29.41
N LEU C 114 -4.27 -5.47 -29.10
CA LEU C 114 -4.35 -4.38 -30.06
C LEU C 114 -2.95 -3.89 -30.43
N ARG C 115 -2.07 -3.79 -29.42
CA ARG C 115 -0.70 -3.36 -29.58
C ARG C 115 0.05 -4.35 -30.46
N LYS C 116 -0.09 -5.66 -30.19
CA LYS C 116 0.58 -6.70 -30.94
C LYS C 116 0.18 -6.67 -32.42
N LYS C 117 -1.10 -6.49 -32.68
CA LYS C 117 -1.67 -6.45 -34.03
C LYS C 117 -1.24 -5.21 -34.85
N ASN C 118 -1.28 -4.02 -34.25
CA ASN C 118 -1.05 -2.76 -34.94
C ASN C 118 0.35 -2.16 -34.81
N LYS C 119 1.22 -2.76 -33.99
CA LYS C 119 2.58 -2.24 -33.78
C LYS C 119 3.35 -2.16 -35.07
N PRO C 120 3.41 -3.22 -35.93
CA PRO C 120 4.17 -3.10 -37.18
C PRO C 120 3.74 -1.90 -38.04
N ALA C 121 2.42 -1.68 -38.19
CA ALA C 121 1.93 -0.56 -39.02
C ALA C 121 2.16 0.80 -38.34
N PHE C 122 2.13 0.83 -37.01
CA PHE C 122 2.36 2.05 -36.25
C PHE C 122 3.80 2.53 -36.43
N ILE C 123 4.75 1.59 -36.40
CA ILE C 123 6.17 1.92 -36.55
C ILE C 123 6.42 2.47 -37.94
N GLU C 124 5.86 1.82 -38.96
CA GLU C 124 6.03 2.24 -40.33
C GLU C 124 5.45 3.60 -40.58
N LYS C 125 4.23 3.86 -40.08
CA LYS C 125 3.57 5.13 -40.36
C LYS C 125 4.11 6.31 -39.55
N HIS C 126 4.22 6.15 -38.23
CA HIS C 126 4.57 7.23 -37.32
C HIS C 126 6.06 7.30 -36.90
N GLY C 127 6.88 6.35 -37.34
CA GLY C 127 8.32 6.39 -37.07
C GLY C 127 8.76 6.01 -35.67
N VAL C 128 7.83 5.87 -34.73
CA VAL C 128 8.17 5.49 -33.37
C VAL C 128 7.47 4.19 -32.96
N ASN C 129 8.03 3.48 -31.97
CA ASN C 129 7.51 2.22 -31.43
C ASN C 129 6.19 2.46 -30.68
N LEU C 130 5.35 1.43 -30.61
CA LEU C 130 4.09 1.53 -29.90
C LEU C 130 4.23 0.79 -28.62
N THR C 131 4.39 1.51 -27.51
CA THR C 131 4.51 0.91 -26.19
C THR C 131 3.13 1.01 -25.46
N TYR C 132 3.04 0.62 -24.17
CA TYR C 132 1.79 0.76 -23.43
C TYR C 132 1.56 2.19 -22.98
N LEU C 133 2.63 2.95 -22.77
CA LEU C 133 2.55 4.30 -22.24
C LEU C 133 1.58 5.23 -23.00
N PRO C 134 1.53 5.33 -24.36
CA PRO C 134 0.55 6.23 -24.98
C PRO C 134 -0.91 5.84 -24.70
N PHE C 135 -1.18 4.55 -24.38
CA PHE C 135 -2.54 4.12 -24.04
C PHE C 135 -2.90 4.62 -22.63
N PHE C 136 -1.96 4.52 -21.69
CA PHE C 136 -2.14 5.00 -20.32
C PHE C 136 -2.28 6.51 -20.36
N VAL C 137 -1.40 7.21 -21.11
CA VAL C 137 -1.42 8.66 -21.24
C VAL C 137 -2.76 9.10 -21.84
N LYS C 138 -3.20 8.49 -22.96
CA LYS C 138 -4.46 8.88 -23.58
C LYS C 138 -5.64 8.67 -22.63
N ALA C 139 -5.70 7.54 -21.90
CA ALA C 139 -6.80 7.29 -20.98
C ALA C 139 -6.81 8.27 -19.79
N VAL C 140 -5.63 8.58 -19.24
CA VAL C 140 -5.47 9.49 -18.11
C VAL C 140 -5.79 10.94 -18.51
N VAL C 141 -5.29 11.40 -19.66
CA VAL C 141 -5.52 12.74 -20.15
C VAL C 141 -7.03 12.96 -20.40
N GLU C 142 -7.71 11.98 -21.01
CA GLU C 142 -9.15 12.08 -21.23
C GLU C 142 -9.91 12.15 -19.91
N ALA C 143 -9.50 11.32 -18.94
CA ALA C 143 -10.14 11.28 -17.64
C ALA C 143 -9.84 12.54 -16.83
N LEU C 144 -8.72 13.24 -17.07
CA LEU C 144 -8.44 14.51 -16.39
C LEU C 144 -9.33 15.64 -16.95
N VAL C 145 -9.75 15.53 -18.22
CA VAL C 145 -10.69 16.47 -18.84
C VAL C 145 -12.07 16.19 -18.26
N SER C 146 -12.46 14.90 -18.21
CA SER C 146 -13.74 14.44 -17.66
C SER C 146 -13.81 14.63 -16.14
N HIS C 147 -12.67 14.65 -15.43
CA HIS C 147 -12.65 14.85 -13.98
C HIS C 147 -11.83 16.09 -13.67
N PRO C 148 -12.39 17.29 -13.93
CA PRO C 148 -11.63 18.53 -13.70
C PRO C 148 -11.22 18.75 -12.25
N ASN C 149 -11.94 18.16 -11.28
CA ASN C 149 -11.60 18.25 -9.86
C ASN C 149 -10.28 17.54 -9.53
N VAL C 150 -9.76 16.65 -10.43
CA VAL C 150 -8.49 15.94 -10.25
C VAL C 150 -7.34 16.73 -10.94
N ASN C 151 -7.62 17.37 -12.08
CA ASN C 151 -6.69 18.22 -12.80
C ASN C 151 -6.77 19.61 -12.17
N ALA C 152 -6.50 19.65 -10.86
CA ALA C 152 -6.71 20.87 -10.09
C ALA C 152 -5.59 21.09 -9.04
N SER C 153 -5.53 22.30 -8.47
CA SER C 153 -4.58 22.69 -7.43
C SER C 153 -5.32 23.39 -6.31
N PHE C 154 -4.87 23.17 -5.08
CA PHE C 154 -5.47 23.81 -3.93
C PHE C 154 -4.54 24.86 -3.38
N ASN C 155 -5.11 25.98 -2.95
CA ASN C 155 -4.38 27.05 -2.29
C ASN C 155 -4.81 27.01 -0.84
N ALA C 156 -3.96 26.54 0.08
CA ALA C 156 -4.33 26.42 1.49
C ALA C 156 -4.46 27.77 2.20
N LYS C 157 -3.91 28.85 1.61
CA LYS C 157 -3.99 30.17 2.23
C LYS C 157 -5.36 30.80 1.93
N THR C 158 -5.76 30.85 0.65
CA THR C 158 -7.02 31.47 0.24
C THR C 158 -8.22 30.49 0.24
N LYS C 159 -7.95 29.17 0.41
CA LYS C 159 -8.93 28.08 0.40
C LYS C 159 -9.65 28.00 -0.97
N GLU C 160 -8.95 28.34 -2.06
CA GLU C 160 -9.52 28.30 -3.39
C GLU C 160 -8.98 27.15 -4.25
N MET C 161 -9.88 26.49 -4.98
CA MET C 161 -9.50 25.41 -5.88
C MET C 161 -9.41 25.93 -7.31
N THR C 162 -8.28 25.69 -7.97
CA THR C 162 -8.10 26.11 -9.36
C THR C 162 -8.20 24.90 -10.25
N TYR C 163 -9.18 24.89 -11.15
CA TYR C 163 -9.36 23.77 -12.08
C TYR C 163 -8.73 24.16 -13.39
N HIS C 164 -7.57 23.58 -13.68
CA HIS C 164 -6.76 23.88 -14.84
C HIS C 164 -7.46 23.52 -16.15
N SER C 165 -7.43 24.44 -17.13
CA SER C 165 -8.02 24.17 -18.44
C SER C 165 -7.04 23.32 -19.30
N SER C 166 -5.72 23.41 -19.02
CA SER C 166 -4.75 22.60 -19.72
C SER C 166 -4.44 21.34 -18.94
N VAL C 167 -4.22 20.24 -19.64
CA VAL C 167 -3.74 19.01 -19.03
C VAL C 167 -2.25 18.96 -19.38
N ASN C 168 -1.38 19.43 -18.49
CA ASN C 168 0.06 19.41 -18.73
C ASN C 168 0.59 18.20 -18.02
N LEU C 169 0.74 17.09 -18.75
CA LEU C 169 1.10 15.82 -18.16
C LEU C 169 2.60 15.63 -17.95
N SER C 170 3.01 15.49 -16.68
CA SER C 170 4.38 15.18 -16.31
C SER C 170 4.65 13.70 -16.50
N ILE C 171 5.81 13.38 -17.05
CA ILE C 171 6.26 12.02 -17.30
C ILE C 171 7.53 11.78 -16.53
N ALA C 172 7.57 10.80 -15.61
CA ALA C 172 8.80 10.50 -14.88
C ALA C 172 9.76 9.74 -15.80
N VAL C 173 10.96 10.26 -15.96
CA VAL C 173 12.00 9.69 -16.80
C VAL C 173 13.23 9.31 -15.97
N ASP C 174 13.52 8.01 -15.91
CA ASP C 174 14.68 7.49 -15.19
C ASP C 174 15.90 7.68 -16.09
N THR C 175 16.90 8.42 -15.59
CA THR C 175 18.13 8.70 -16.34
C THR C 175 19.35 8.33 -15.48
N PRO C 176 20.53 8.09 -16.08
CA PRO C 176 21.73 7.80 -15.26
C PRO C 176 22.04 8.91 -14.22
N ALA C 177 21.76 10.19 -14.57
CA ALA C 177 21.98 11.31 -13.65
C ALA C 177 20.90 11.44 -12.54
N GLY C 178 19.80 10.71 -12.66
CA GLY C 178 18.73 10.74 -11.69
C GLY C 178 17.36 10.90 -12.32
N LEU C 179 16.33 11.01 -11.50
CA LEU C 179 14.96 11.16 -11.98
C LEU C 179 14.69 12.58 -12.50
N LEU C 180 14.09 12.65 -13.69
CA LEU C 180 13.69 13.91 -14.30
C LEU C 180 12.20 13.82 -14.64
N THR C 181 11.47 14.95 -14.57
CA THR C 181 10.03 14.88 -14.86
C THR C 181 9.61 15.93 -15.90
N PRO C 182 9.95 15.71 -17.19
CA PRO C 182 9.48 16.64 -18.23
C PRO C 182 7.95 16.61 -18.35
N VAL C 183 7.40 17.70 -18.89
CA VAL C 183 5.96 17.93 -19.03
C VAL C 183 5.52 17.97 -20.49
N ILE C 184 4.43 17.29 -20.82
CA ILE C 184 3.77 17.37 -22.13
C ILE C 184 2.67 18.41 -21.98
N HIS C 185 2.92 19.63 -22.44
CA HIS C 185 1.98 20.73 -22.32
C HIS C 185 0.80 20.52 -23.25
N ASP C 186 -0.41 20.80 -22.76
CA ASP C 186 -1.65 20.69 -23.52
C ASP C 186 -1.79 19.32 -24.17
N ALA C 187 -1.56 18.28 -23.36
CA ALA C 187 -1.65 16.87 -23.77
C ALA C 187 -3.07 16.49 -24.22
N GLN C 188 -4.10 17.27 -23.80
CA GLN C 188 -5.49 17.03 -24.18
C GLN C 188 -5.70 17.23 -25.70
N ASP C 189 -4.85 18.03 -26.36
CA ASP C 189 -4.94 18.26 -27.80
C ASP C 189 -4.13 17.25 -28.62
N LEU C 190 -3.53 16.21 -27.98
CA LEU C 190 -2.69 15.28 -28.70
C LEU C 190 -3.34 13.95 -29.02
N SER C 191 -2.96 13.41 -30.16
CA SER C 191 -3.36 12.06 -30.58
C SER C 191 -2.38 11.02 -29.97
N ILE C 192 -2.72 9.72 -30.01
CA ILE C 192 -1.79 8.67 -29.52
C ILE C 192 -0.45 8.74 -30.32
N PRO C 193 -0.40 8.91 -31.66
CA PRO C 193 0.90 9.04 -32.34
C PRO C 193 1.71 10.26 -31.87
N GLU C 194 1.05 11.42 -31.62
CA GLU C 194 1.72 12.60 -31.12
C GLU C 194 2.25 12.39 -29.71
N ILE C 195 1.50 11.66 -28.87
CA ILE C 195 1.90 11.32 -27.51
C ILE C 195 3.15 10.43 -27.57
N ALA C 196 3.10 9.38 -28.40
CA ALA C 196 4.21 8.44 -28.58
C ALA C 196 5.47 9.17 -29.04
N LYS C 197 5.37 10.18 -29.93
CA LYS C 197 6.53 10.94 -30.40
C LYS C 197 7.02 11.93 -29.32
N ALA C 198 6.11 12.49 -28.51
CA ALA C 198 6.48 13.40 -27.43
C ALA C 198 7.25 12.66 -26.35
N ILE C 199 6.85 11.42 -26.02
CA ILE C 199 7.54 10.61 -25.03
C ILE C 199 8.98 10.33 -25.51
N VAL C 200 9.16 9.90 -26.77
CA VAL C 200 10.48 9.61 -27.34
C VAL C 200 11.36 10.86 -27.29
N ASP C 201 10.81 11.99 -27.70
CA ASP C 201 11.52 13.26 -27.68
C ASP C 201 11.93 13.68 -26.24
N LEU C 202 10.98 13.77 -25.30
CA LEU C 202 11.26 14.21 -23.95
C LEU C 202 12.16 13.27 -23.17
N ALA C 203 12.04 11.96 -23.39
CA ALA C 203 12.91 10.99 -22.73
C ALA C 203 14.33 11.14 -23.26
N ASP C 204 14.50 11.36 -24.58
CA ASP C 204 15.84 11.53 -25.15
C ASP C 204 16.50 12.80 -24.62
N ARG C 205 15.76 13.92 -24.61
CA ARG C 205 16.26 15.20 -24.13
C ARG C 205 16.50 15.22 -22.62
N SER C 206 15.82 14.33 -21.86
CA SER C 206 16.04 14.25 -20.43
C SER C 206 17.39 13.57 -20.17
N ARG C 207 17.68 12.47 -20.90
CA ARG C 207 18.91 11.71 -20.78
C ARG C 207 20.13 12.47 -21.32
N ASN C 208 19.93 13.30 -22.34
CA ASN C 208 21.05 14.02 -22.96
C ASN C 208 21.09 15.50 -22.57
N ASN C 209 20.44 15.89 -21.44
CA ASN C 209 20.39 17.27 -20.96
C ASN C 209 20.13 18.32 -22.10
N LYS C 210 19.02 18.17 -22.82
CA LYS C 210 18.61 19.13 -23.84
C LYS C 210 17.20 19.69 -23.51
N LEU C 211 16.82 19.71 -22.21
CA LEU C 211 15.54 20.19 -21.72
C LEU C 211 15.53 21.69 -21.39
N LYS C 212 14.57 22.44 -21.93
CA LYS C 212 14.40 23.88 -21.67
C LYS C 212 13.69 24.09 -20.31
N PRO C 213 13.73 25.32 -19.73
CA PRO C 213 13.06 25.53 -18.43
C PRO C 213 11.52 25.35 -18.48
N ASN C 214 10.88 25.62 -19.64
CA ASN C 214 9.43 25.44 -19.75
C ASN C 214 9.07 23.92 -19.83
N ASP C 215 9.99 23.07 -20.30
CA ASP C 215 9.74 21.62 -20.37
C ASP C 215 9.60 20.97 -18.98
N LEU C 216 10.01 21.65 -17.91
CA LEU C 216 9.94 21.09 -16.57
C LEU C 216 8.90 21.75 -15.67
N SER C 217 8.22 22.82 -16.14
CA SER C 217 7.23 23.54 -15.35
C SER C 217 5.81 23.40 -15.91
N GLY C 218 4.81 23.73 -15.10
CA GLY C 218 3.42 23.74 -15.53
C GLY C 218 2.62 22.47 -15.40
N GLY C 219 3.27 21.37 -14.99
CA GLY C 219 2.60 20.08 -14.82
C GLY C 219 1.37 20.13 -13.93
N THR C 220 0.27 19.52 -14.38
CA THR C 220 -0.98 19.49 -13.62
C THR C 220 -1.30 18.08 -13.06
N PHE C 221 -0.62 17.03 -13.56
CA PHE C 221 -0.74 15.63 -13.17
C PHE C 221 0.52 14.88 -13.62
N THR C 222 0.91 13.77 -12.94
CA THR C 222 2.09 12.99 -13.35
C THR C 222 1.77 11.53 -13.59
N ILE C 223 2.45 10.88 -14.53
CA ILE C 223 2.40 9.42 -14.73
C ILE C 223 3.87 8.90 -14.57
N THR C 224 4.05 7.83 -13.74
CA THR C 224 5.37 7.24 -13.48
C THR C 224 5.35 5.73 -13.66
N ASN C 225 6.35 5.16 -14.37
CA ASN C 225 6.36 3.70 -14.58
C ASN C 225 7.04 3.00 -13.44
N ILE C 226 6.30 2.73 -12.35
CA ILE C 226 6.90 2.05 -11.20
C ILE C 226 7.23 0.55 -11.50
N GLY C 227 6.61 -0.01 -12.53
CA GLY C 227 6.89 -1.38 -12.93
C GLY C 227 8.09 -1.54 -13.84
N SER C 228 8.81 -0.44 -14.13
CA SER C 228 10.01 -0.49 -14.99
C SER C 228 11.07 -1.40 -14.43
N GLU C 229 11.17 -1.50 -13.09
CA GLU C 229 12.13 -2.41 -12.48
C GLU C 229 11.44 -3.58 -11.72
N GLY C 230 10.24 -3.94 -12.14
CA GLY C 230 9.54 -5.12 -11.65
C GLY C 230 8.45 -4.99 -10.61
N ALA C 231 8.28 -3.78 -10.02
CA ALA C 231 7.28 -3.56 -8.99
C ALA C 231 5.87 -3.74 -9.47
N LEU C 232 5.05 -4.36 -8.60
CA LEU C 232 3.63 -4.51 -8.81
C LEU C 232 2.93 -3.17 -8.56
N SER C 233 3.37 -2.47 -7.50
CA SER C 233 2.80 -1.21 -7.09
C SER C 233 3.79 -0.45 -6.19
N ASP C 234 3.44 0.76 -5.81
CA ASP C 234 4.23 1.67 -4.97
C ASP C 234 3.28 2.77 -4.48
N THR C 235 3.77 3.68 -3.63
CA THR C 235 2.98 4.81 -3.16
C THR C 235 3.75 6.04 -3.65
N PRO C 236 3.75 6.34 -4.98
CA PRO C 236 4.54 7.48 -5.47
C PRO C 236 4.24 8.80 -4.78
N ILE C 237 5.23 9.68 -4.67
CA ILE C 237 5.07 10.97 -4.01
C ILE C 237 4.61 12.03 -5.02
N LEU C 238 3.43 12.66 -4.79
CA LEU C 238 2.99 13.76 -5.66
C LEU C 238 3.69 15.03 -5.21
N VAL C 239 3.87 15.96 -6.15
CA VAL C 239 4.52 17.22 -5.84
C VAL C 239 3.56 18.38 -6.03
N PRO C 240 3.06 19.00 -4.95
CA PRO C 240 2.21 20.20 -5.11
C PRO C 240 2.90 21.25 -5.98
N PRO C 241 2.16 21.99 -6.83
CA PRO C 241 0.69 22.14 -6.86
C PRO C 241 -0.10 21.00 -7.46
N GLN C 242 0.53 19.92 -7.91
CA GLN C 242 -0.23 18.80 -8.48
C GLN C 242 -1.04 18.09 -7.40
N ALA C 243 -2.18 17.49 -7.80
CA ALA C 243 -3.03 16.80 -6.84
C ALA C 243 -3.02 15.26 -7.00
N GLY C 244 -2.35 14.75 -8.03
CA GLY C 244 -2.28 13.32 -8.26
C GLY C 244 -1.08 12.88 -9.08
N ILE C 245 -0.66 11.65 -8.87
CA ILE C 245 0.40 11.00 -9.62
C ILE C 245 -0.02 9.55 -9.77
N LEU C 246 -0.15 9.10 -11.01
CA LEU C 246 -0.54 7.74 -11.30
C LEU C 246 0.71 6.89 -11.59
N GLY C 247 0.85 5.79 -10.89
CA GLY C 247 1.93 4.85 -11.15
C GLY C 247 1.42 3.71 -12.00
N THR C 248 2.22 3.23 -12.94
CA THR C 248 1.84 2.08 -13.75
C THR C 248 2.71 0.92 -13.29
N GLY C 249 2.12 -0.01 -12.55
CA GLY C 249 2.87 -1.17 -12.09
C GLY C 249 3.22 -2.11 -13.24
N ALA C 250 3.88 -3.22 -12.92
CA ALA C 250 4.24 -4.19 -13.95
C ALA C 250 2.98 -4.86 -14.51
N ILE C 251 2.95 -5.09 -15.82
CA ILE C 251 1.85 -5.79 -16.45
C ILE C 251 2.23 -7.24 -16.35
N VAL C 252 1.48 -7.99 -15.57
CA VAL C 252 1.81 -9.37 -15.25
C VAL C 252 0.67 -10.30 -15.64
N LYS C 253 0.98 -11.52 -16.09
CA LYS C 253 -0.06 -12.53 -16.33
C LYS C 253 -0.53 -13.09 -14.97
N ARG C 254 -1.84 -12.95 -14.65
CA ARG C 254 -2.40 -13.40 -13.38
C ARG C 254 -3.71 -14.15 -13.60
N PRO C 255 -4.00 -15.21 -12.82
CA PRO C 255 -5.30 -15.89 -12.97
C PRO C 255 -6.40 -15.02 -12.35
N VAL C 256 -7.46 -14.73 -13.12
CA VAL C 256 -8.56 -13.88 -12.66
C VAL C 256 -9.90 -14.52 -12.99
N VAL C 257 -10.98 -14.07 -12.34
CA VAL C 257 -12.32 -14.58 -12.63
C VAL C 257 -12.89 -13.72 -13.75
N ILE C 258 -13.35 -14.39 -14.79
CA ILE C 258 -13.93 -13.83 -16.01
C ILE C 258 -15.38 -14.30 -16.10
N THR C 259 -16.29 -13.42 -16.54
CA THR C 259 -17.69 -13.81 -16.67
C THR C 259 -18.10 -13.68 -18.14
N GLU C 260 -18.49 -14.81 -18.74
CA GLU C 260 -18.92 -14.85 -20.14
C GLU C 260 -20.27 -15.51 -20.18
N ASP C 261 -21.29 -14.76 -20.63
CA ASP C 261 -22.69 -15.18 -20.70
C ASP C 261 -23.21 -15.59 -19.32
N GLY C 262 -22.82 -14.84 -18.29
CA GLY C 262 -23.27 -15.07 -16.92
C GLY C 262 -22.66 -16.26 -16.20
N ILE C 263 -21.58 -16.83 -16.76
CA ILE C 263 -20.91 -17.96 -16.11
C ILE C 263 -19.45 -17.60 -15.77
N ASP C 264 -19.07 -17.84 -14.51
CA ASP C 264 -17.74 -17.52 -13.99
C ASP C 264 -16.70 -18.59 -14.32
N SER C 265 -15.52 -18.15 -14.75
CA SER C 265 -14.40 -19.05 -15.06
C SER C 265 -13.07 -18.40 -14.70
N ILE C 266 -12.03 -19.22 -14.49
CA ILE C 266 -10.70 -18.71 -14.19
C ILE C 266 -9.91 -18.65 -15.50
N ALA C 267 -9.32 -17.50 -15.78
CA ALA C 267 -8.56 -17.30 -17.01
C ALA C 267 -7.27 -16.53 -16.75
N ILE C 268 -6.27 -16.73 -17.60
CA ILE C 268 -5.01 -15.99 -17.51
C ILE C 268 -5.18 -14.66 -18.24
N ARG C 269 -4.99 -13.53 -17.53
CA ARG C 269 -5.10 -12.22 -18.16
C ARG C 269 -3.88 -11.37 -17.81
N GLN C 270 -3.57 -10.38 -18.67
CA GLN C 270 -2.48 -9.42 -18.46
C GLN C 270 -2.98 -8.32 -17.52
N MET C 271 -2.65 -8.42 -16.24
CA MET C 271 -3.18 -7.48 -15.26
C MET C 271 -2.15 -6.46 -14.84
N VAL C 272 -2.61 -5.22 -14.57
CA VAL C 272 -1.73 -4.18 -14.09
C VAL C 272 -2.36 -3.52 -12.85
N PHE C 273 -1.54 -3.12 -11.87
CA PHE C 273 -2.04 -2.34 -10.74
C PHE C 273 -1.78 -0.87 -11.07
N LEU C 274 -2.78 -0.02 -10.84
CA LEU C 274 -2.62 1.39 -11.07
C LEU C 274 -2.77 2.13 -9.75
N PRO C 275 -1.67 2.31 -9.03
CA PRO C 275 -1.75 3.05 -7.77
C PRO C 275 -1.84 4.56 -8.03
N LEU C 276 -2.84 5.21 -7.44
CA LEU C 276 -2.97 6.65 -7.58
C LEU C 276 -2.69 7.33 -6.27
N THR C 277 -1.62 8.14 -6.21
CA THR C 277 -1.39 8.96 -5.03
C THR C 277 -2.14 10.24 -5.24
N TYR C 278 -3.06 10.58 -4.33
CA TYR C 278 -3.84 11.80 -4.48
C TYR C 278 -3.75 12.65 -3.23
N ASP C 279 -3.96 13.95 -3.38
CA ASP C 279 -3.93 14.87 -2.26
C ASP C 279 -5.34 14.97 -1.71
N HIS C 280 -5.55 14.57 -0.45
CA HIS C 280 -6.86 14.64 0.17
C HIS C 280 -7.36 16.08 0.32
N GLN C 281 -6.50 17.09 0.14
CA GLN C 281 -6.95 18.49 0.12
C GLN C 281 -7.80 18.79 -1.12
N VAL C 282 -7.55 18.06 -2.22
CA VAL C 282 -8.17 18.27 -3.52
C VAL C 282 -9.15 17.13 -3.91
N VAL C 283 -8.76 15.88 -3.62
CA VAL C 283 -9.48 14.70 -4.05
C VAL C 283 -9.82 13.76 -2.87
N ASP C 284 -11.09 13.36 -2.72
CA ASP C 284 -11.55 12.40 -1.71
C ASP C 284 -11.33 10.98 -2.23
N GLY C 285 -11.50 9.98 -1.38
CA GLY C 285 -11.37 8.58 -1.80
C GLY C 285 -12.31 8.17 -2.90
N ALA C 286 -13.55 8.65 -2.83
CA ALA C 286 -14.57 8.32 -3.83
C ALA C 286 -14.27 9.05 -5.15
N ASP C 287 -13.75 10.29 -5.07
CA ASP C 287 -13.34 11.05 -6.25
C ASP C 287 -12.22 10.33 -6.97
N ALA C 288 -11.24 9.80 -6.21
CA ALA C 288 -10.10 9.06 -6.74
C ALA C 288 -10.59 7.75 -7.41
N GLY C 289 -11.53 7.07 -6.79
CA GLY C 289 -12.11 5.86 -7.35
C GLY C 289 -12.91 6.09 -8.62
N ARG C 290 -13.68 7.19 -8.68
CA ARG C 290 -14.46 7.50 -9.87
C ARG C 290 -13.51 7.86 -11.02
N PHE C 291 -12.43 8.62 -10.74
CA PHE C 291 -11.45 9.00 -11.75
C PHE C 291 -10.74 7.76 -12.28
N LEU C 292 -10.35 6.84 -11.40
CA LEU C 292 -9.71 5.60 -11.81
C LEU C 292 -10.66 4.65 -12.52
N THR C 293 -11.96 4.69 -12.20
CA THR C 293 -12.95 3.85 -12.85
C THR C 293 -13.09 4.25 -14.33
N THR C 294 -13.03 5.55 -14.62
CA THR C 294 -13.11 6.04 -16.00
C THR C 294 -11.90 5.53 -16.82
N ILE C 295 -10.69 5.63 -16.21
CA ILE C 295 -9.44 5.20 -16.83
C ILE C 295 -9.48 3.69 -17.08
N LYS C 296 -9.92 2.91 -16.08
CA LYS C 296 -10.02 1.47 -16.16
C LYS C 296 -11.00 1.07 -17.24
N ASP C 297 -12.16 1.74 -17.31
CA ASP C 297 -13.16 1.42 -18.32
C ASP C 297 -12.61 1.67 -19.73
N ARG C 298 -11.91 2.80 -19.93
CA ARG C 298 -11.33 3.14 -21.22
C ARG C 298 -10.30 2.10 -21.65
N LEU C 299 -9.42 1.67 -20.72
CA LEU C 299 -8.38 0.69 -21.01
C LEU C 299 -8.93 -0.73 -21.24
N GLU C 300 -9.92 -1.14 -20.46
CA GLU C 300 -10.50 -2.48 -20.59
C GLU C 300 -11.41 -2.59 -21.82
N THR C 301 -12.05 -1.49 -22.24
CA THR C 301 -12.84 -1.49 -23.47
C THR C 301 -11.88 -1.58 -24.69
N ALA C 302 -10.72 -0.90 -24.59
CA ALA C 302 -9.62 -0.88 -25.55
C ALA C 302 -10.07 -0.52 -26.96
N ASN C 303 -10.93 0.51 -27.07
CA ASN C 303 -11.37 1.00 -28.37
C ASN C 303 -10.36 2.09 -28.81
N PHE C 304 -9.15 1.67 -29.18
CA PHE C 304 -8.10 2.60 -29.56
C PHE C 304 -7.65 2.48 -31.02
N GLU C 305 -8.22 1.54 -31.81
CA GLU C 305 -7.79 1.35 -33.20
C GLU C 305 -7.88 2.62 -34.03
N GLY C 306 -8.97 3.38 -33.88
CA GLY C 306 -9.14 4.65 -34.59
C GLY C 306 -8.18 5.72 -34.08
N ASP C 307 -7.82 5.66 -32.79
CA ASP C 307 -6.88 6.60 -32.14
C ASP C 307 -5.42 6.44 -32.62
N LEU C 308 -5.10 5.28 -33.20
CA LEU C 308 -3.75 4.99 -33.67
C LEU C 308 -3.46 5.66 -35.01
N GLN C 309 -4.52 6.08 -35.76
CA GLN C 309 -4.46 6.78 -37.02
C GLN C 309 -3.61 6.02 -38.05
N LEU C 310 -3.86 4.70 -38.23
CA LEU C 310 -3.13 3.91 -39.23
C LEU C 310 -3.79 4.04 -40.60
#